data_8OWT
#
_entry.id   8OWT
#
_cell.length_a   90.609
_cell.length_b   97.197
_cell.length_c   117.583
_cell.angle_alpha   90.000
_cell.angle_beta   90.000
_cell.angle_gamma   90.000
#
_symmetry.space_group_name_H-M   'P 21 21 21'
#
loop_
_entity.id
_entity.type
_entity.pdbx_description
1 polymer 'Nanobody A8'
2 polymer 'Spike protein S1'
3 polymer 'Nanobody H3'
4 non-polymer 2-acetamido-2-deoxy-beta-D-glucopyranose
5 non-polymer '2-(N-MORPHOLINO)-ETHANESULFONIC ACID'
6 water water
#
loop_
_entity_poly.entity_id
_entity_poly.type
_entity_poly.pdbx_seq_one_letter_code
_entity_poly.pdbx_strand_id
1 'polypeptide(L)'
;QVQLVESGGGLVQAGGSLRLSCAASGGTFSTAAMGWFRQAPGEERECVASIGWRGVRTWYADSVKGRFTISRDNPQNTVY
LQMNNLKSGDTAVYYCAASVGNYGLPWAHFEYDFWGQGIQVTVSSKHHHHHH
;
AAA,DDD
2 'polypeptide(L)'
;PNITNLCPFGEVFNATRFASVYAWNRKRISNCVADYSVLYNSASFSTFKCYGVSPTKLNDLCFTNVYADSFVIRGDEVRQ
IAPGQTGKIADYNYKLPDDFTGCVIAWNSNNLDSKVGGNYNYLYRLFRKSNLKPFERDISTEIYQAGSTPCNGVEGFNCY
FPLQSYGFQPTNGVGYQPYRVVVLSFELLHAPATVCGPKKSTNKHHHHHH
;
BBB,EEE
3 'polypeptide(L)'
;MAQVQLVESGGGLVKTGGSLRLSCAASGRTFSTYSMGWFRQAPGKEREFVAGMRWTGSSTFYSDSVKGRFTVSRNNAKDT
VYLHMNSLKPEDTAVYYCAITTIVRAYYTEYTEADFGSWGQGTQVTVSSKHHHHHH
;
CCC,FFF
#
loop_
_chem_comp.id
_chem_comp.type
_chem_comp.name
_chem_comp.formula
MES non-polymer '2-(N-MORPHOLINO)-ETHANESULFONIC ACID' 'C6 H13 N O4 S'
NAG D-saccharide, beta linking 2-acetamido-2-deoxy-beta-D-glucopyranose 'C8 H15 N O6'
#
# COMPACT_ATOMS: atom_id res chain seq x y z
N GLN A 1 31.49 15.95 29.68
CA GLN A 1 30.50 14.84 29.58
C GLN A 1 29.10 15.35 29.96
N VAL A 2 28.08 14.53 29.70
CA VAL A 2 26.67 14.80 30.11
C VAL A 2 26.55 14.44 31.59
N GLN A 3 26.16 15.40 32.41
CA GLN A 3 26.01 15.24 33.89
C GLN A 3 24.53 15.45 34.24
N LEU A 4 23.93 14.45 34.89
CA LEU A 4 22.53 14.49 35.38
C LEU A 4 22.57 14.43 36.91
N VAL A 5 22.36 15.57 37.58
CA VAL A 5 22.46 15.72 39.06
C VAL A 5 21.04 15.64 39.65
N GLU A 6 20.75 14.57 40.40
CA GLU A 6 19.42 14.32 41.03
C GLU A 6 19.47 14.79 42.49
N SER A 7 18.38 15.41 42.96
CA SER A 7 18.18 15.78 44.39
C SER A 7 16.69 15.71 44.73
N GLY A 8 16.36 15.81 46.03
CA GLY A 8 14.98 15.84 46.55
C GLY A 8 14.49 14.49 47.04
N GLY A 9 15.39 13.50 47.16
CA GLY A 9 15.07 12.15 47.69
C GLY A 9 15.09 12.13 49.21
N GLY A 10 15.25 10.94 49.79
CA GLY A 10 15.41 10.73 51.24
C GLY A 10 14.26 9.92 51.82
N LEU A 11 13.95 10.14 53.11
CA LEU A 11 12.92 9.40 53.88
C LEU A 11 11.60 10.19 53.87
N VAL A 12 10.49 9.48 53.66
CA VAL A 12 9.09 9.99 53.83
C VAL A 12 8.22 8.83 54.34
N GLN A 13 6.95 9.11 54.65
CA GLN A 13 5.96 8.10 55.09
C GLN A 13 4.76 8.13 54.12
N ALA A 14 3.98 7.04 54.08
CA ALA A 14 2.84 6.85 53.16
C ALA A 14 1.91 8.07 53.20
N GLY A 15 1.42 8.50 52.04
CA GLY A 15 0.56 9.69 51.87
C GLY A 15 1.35 10.98 51.74
N GLY A 16 2.68 10.92 51.92
CA GLY A 16 3.57 12.09 51.90
C GLY A 16 3.97 12.48 50.49
N SER A 17 4.34 13.75 50.30
CA SER A 17 4.73 14.38 49.01
C SER A 17 6.25 14.59 48.96
N LEU A 18 6.89 14.05 47.92
CA LEU A 18 8.34 14.18 47.63
C LEU A 18 8.52 14.67 46.19
N ARG A 19 9.37 15.68 45.96
CA ARG A 19 9.61 16.29 44.62
C ARG A 19 11.05 16.04 44.21
N LEU A 20 11.27 15.04 43.34
CA LEU A 20 12.60 14.77 42.72
C LEU A 20 12.86 15.84 41.66
N SER A 21 14.11 16.28 41.55
CA SER A 21 14.60 17.21 40.51
C SER A 21 15.88 16.62 39.90
N CYS A 22 16.10 16.84 38.61
CA CYS A 22 17.29 16.39 37.87
C CYS A 22 17.78 17.54 36.99
N ALA A 23 18.93 18.13 37.36
CA ALA A 23 19.60 19.22 36.60
C ALA A 23 20.61 18.59 35.63
N ALA A 24 20.55 18.98 34.36
CA ALA A 24 21.34 18.42 33.24
C ALA A 24 22.37 19.45 32.79
N SER A 25 23.60 19.01 32.56
CA SER A 25 24.67 19.78 31.87
C SER A 25 25.13 19.01 30.63
N GLY A 26 24.93 19.57 29.44
CA GLY A 26 25.63 19.17 28.21
C GLY A 26 24.91 18.14 27.36
N GLY A 27 23.60 17.94 27.55
CA GLY A 27 22.82 16.99 26.75
C GLY A 27 21.96 17.68 25.70
N THR A 28 22.27 18.93 25.35
CA THR A 28 21.36 19.86 24.63
C THR A 28 19.94 19.61 25.12
N PHE A 29 19.70 19.93 26.40
CA PHE A 29 18.46 19.61 27.17
C PHE A 29 17.22 19.90 26.32
N SER A 30 17.21 21.05 25.63
CA SER A 30 16.06 21.58 24.85
C SER A 30 15.54 20.58 23.83
N THR A 31 16.41 19.76 23.23
CA THR A 31 16.05 18.77 22.17
C THR A 31 16.12 17.34 22.70
N ALA A 32 16.15 17.16 24.03
CA ALA A 32 16.26 15.85 24.70
C ALA A 32 14.92 15.49 25.37
N ALA A 33 14.42 14.28 25.11
CA ALA A 33 13.35 13.64 25.90
C ALA A 33 13.96 13.19 27.23
N MET A 34 13.28 13.45 28.34
CA MET A 34 13.79 13.18 29.72
C MET A 34 12.87 12.16 30.40
N GLY A 35 13.45 11.26 31.20
CA GLY A 35 12.73 10.15 31.85
C GLY A 35 13.16 9.95 33.29
N TRP A 36 12.25 9.42 34.11
CA TRP A 36 12.51 8.94 35.48
C TRP A 36 12.35 7.42 35.50
N PHE A 37 13.41 6.70 35.84
CA PHE A 37 13.43 5.24 36.05
C PHE A 37 13.59 4.97 37.56
N ARG A 38 13.05 3.86 38.04
CA ARG A 38 13.23 3.41 39.44
C ARG A 38 13.64 1.93 39.45
N GLN A 39 14.38 1.52 40.48
CA GLN A 39 14.82 0.12 40.69
C GLN A 39 14.71 -0.21 42.17
N ALA A 40 13.69 -0.99 42.54
CA ALA A 40 13.53 -1.61 43.87
C ALA A 40 14.70 -2.58 44.10
N PRO A 41 15.12 -2.81 45.35
CA PRO A 41 16.30 -3.63 45.62
C PRO A 41 16.16 -5.13 45.31
N GLY A 42 14.99 -5.59 44.83
CA GLY A 42 14.77 -6.97 44.37
C GLY A 42 14.15 -7.06 42.99
N GLU A 43 14.07 -5.94 42.26
CA GLU A 43 13.45 -5.82 40.91
C GLU A 43 14.50 -5.32 39.91
N GLU A 44 14.10 -5.14 38.64
CA GLU A 44 14.93 -4.54 37.56
C GLU A 44 14.36 -3.17 37.19
N ARG A 45 15.20 -2.31 36.60
CA ARG A 45 14.88 -0.92 36.15
C ARG A 45 13.53 -0.92 35.40
N GLU A 46 12.59 -0.10 35.85
CA GLU A 46 11.33 0.23 35.12
C GLU A 46 11.25 1.75 34.93
N CYS A 47 10.85 2.22 33.75
CA CYS A 47 10.48 3.63 33.50
C CYS A 47 9.16 3.92 34.20
N VAL A 48 9.07 5.03 34.96
CA VAL A 48 7.85 5.43 35.72
C VAL A 48 7.19 6.64 35.05
N ALA A 49 7.97 7.52 34.41
CA ALA A 49 7.47 8.70 33.69
C ALA A 49 8.51 9.19 32.68
N SER A 50 8.04 9.75 31.56
CA SER A 50 8.87 10.40 30.52
CA SER A 50 8.88 10.41 30.52
C SER A 50 8.14 11.62 29.95
N ILE A 51 8.90 12.56 29.39
CA ILE A 51 8.37 13.86 28.89
C ILE A 51 9.13 14.24 27.60
N GLY A 52 8.41 14.75 26.61
CA GLY A 52 8.97 15.21 25.32
C GLY A 52 9.71 16.52 25.49
N TRP A 53 10.53 16.86 24.50
CA TRP A 53 11.43 18.05 24.47
C TRP A 53 10.66 19.34 24.80
N ARG A 54 9.43 19.49 24.30
CA ARG A 54 8.57 20.70 24.49
C ARG A 54 7.86 20.66 25.85
N GLY A 55 7.82 19.49 26.51
CA GLY A 55 7.09 19.29 27.78
C GLY A 55 5.58 19.23 27.58
N VAL A 56 5.14 18.93 26.36
CA VAL A 56 3.70 18.84 25.98
C VAL A 56 3.23 17.40 26.21
N ARG A 57 3.95 16.42 25.66
CA ARG A 57 3.61 14.98 25.76
C ARG A 57 4.31 14.38 26.99
N THR A 58 3.56 13.59 27.75
CA THR A 58 4.04 12.87 28.96
C THR A 58 3.58 11.40 28.85
N TRP A 59 4.34 10.49 29.45
CA TRP A 59 4.01 9.06 29.62
C TRP A 59 4.24 8.69 31.10
N TYR A 60 3.33 7.92 31.68
CA TYR A 60 3.43 7.43 33.07
C TYR A 60 3.19 5.90 33.06
N ALA A 61 3.96 5.17 33.87
CA ALA A 61 3.70 3.75 34.21
C ALA A 61 2.37 3.67 34.97
N ASP A 62 1.60 2.60 34.76
CA ASP A 62 0.26 2.40 35.39
C ASP A 62 0.39 2.50 36.92
N SER A 63 1.48 1.98 37.49
CA SER A 63 1.71 1.84 38.95
C SER A 63 1.82 3.21 39.64
N VAL A 64 2.10 4.30 38.89
CA VAL A 64 2.32 5.66 39.45
C VAL A 64 1.36 6.68 38.83
N LYS A 65 0.51 6.28 37.88
CA LYS A 65 -0.34 7.21 37.08
C LYS A 65 -1.37 7.87 38.01
N GLY A 66 -1.56 9.19 37.87
CA GLY A 66 -2.48 9.99 38.71
C GLY A 66 -1.83 10.48 40.00
N ARG A 67 -0.70 9.88 40.40
CA ARG A 67 0.00 10.14 41.69
C ARG A 67 1.31 10.91 41.44
N PHE A 68 2.00 10.63 40.33
CA PHE A 68 3.27 11.28 39.92
C PHE A 68 3.01 12.24 38.75
N THR A 69 3.64 13.42 38.76
CA THR A 69 3.66 14.39 37.64
C THR A 69 5.12 14.66 37.26
N ILE A 70 5.45 14.44 35.97
CA ILE A 70 6.74 14.85 35.36
C ILE A 70 6.51 16.20 34.68
N SER A 71 7.45 17.13 34.85
CA SER A 71 7.46 18.47 34.19
C SER A 71 8.92 18.87 33.93
N ARG A 72 9.14 19.90 33.11
CA ARG A 72 10.52 20.36 32.76
C ARG A 72 10.55 21.88 32.64
N ASP A 73 11.71 22.47 32.96
CA ASP A 73 12.02 23.91 32.86
C ASP A 73 13.21 24.04 31.90
N ASN A 74 12.93 24.18 30.60
CA ASN A 74 13.94 24.09 29.50
C ASN A 74 15.00 25.19 29.68
N PRO A 75 14.63 26.45 29.99
CA PRO A 75 15.64 27.48 30.25
C PRO A 75 16.61 27.13 31.38
N GLN A 76 16.20 26.27 32.32
CA GLN A 76 16.99 25.88 33.54
C GLN A 76 17.57 24.47 33.39
N ASN A 77 17.38 23.81 32.25
CA ASN A 77 17.88 22.43 31.97
C ASN A 77 17.57 21.52 33.17
N THR A 78 16.32 21.52 33.64
CA THR A 78 15.88 20.73 34.83
C THR A 78 14.55 20.01 34.50
N VAL A 79 14.45 18.74 34.89
CA VAL A 79 13.21 17.91 34.83
C VAL A 79 12.83 17.54 36.26
N TYR A 80 11.53 17.59 36.59
CA TYR A 80 10.99 17.36 37.95
C TYR A 80 10.07 16.13 37.94
N LEU A 81 10.04 15.39 39.06
CA LEU A 81 9.04 14.32 39.32
C LEU A 81 8.36 14.62 40.66
N GLN A 82 7.25 15.35 40.61
CA GLN A 82 6.31 15.55 41.76
C GLN A 82 5.67 14.19 42.06
N MET A 83 5.95 13.61 43.23
CA MET A 83 5.41 12.29 43.67
C MET A 83 4.49 12.51 44.87
N ASN A 84 3.18 12.33 44.68
CA ASN A 84 2.13 12.52 45.71
C ASN A 84 1.52 11.15 46.04
N ASN A 85 1.02 10.99 47.27
CA ASN A 85 0.29 9.77 47.72
C ASN A 85 1.23 8.56 47.67
N LEU A 86 2.49 8.74 48.10
CA LEU A 86 3.51 7.67 48.09
C LEU A 86 3.03 6.49 48.93
N LYS A 87 3.07 5.27 48.37
CA LYS A 87 2.82 4.00 49.12
C LYS A 87 4.16 3.25 49.24
N SER A 88 4.23 2.28 50.16
CA SER A 88 5.48 1.59 50.59
C SER A 88 6.19 0.95 49.39
N GLY A 89 5.46 0.59 48.34
CA GLY A 89 5.99 -0.10 47.14
C GLY A 89 6.65 0.84 46.13
N ASP A 90 6.71 2.15 46.43
CA ASP A 90 7.44 3.16 45.60
C ASP A 90 8.92 3.19 46.00
N THR A 91 9.27 2.65 47.18
CA THR A 91 10.66 2.61 47.73
C THR A 91 11.59 1.97 46.69
N ALA A 92 12.61 2.73 46.26
CA ALA A 92 13.55 2.34 45.18
C ALA A 92 14.58 3.44 44.97
N VAL A 93 15.65 3.13 44.23
CA VAL A 93 16.63 4.13 43.69
C VAL A 93 16.04 4.71 42.40
N TYR A 94 15.76 6.02 42.39
CA TYR A 94 15.17 6.75 41.24
C TYR A 94 16.30 7.37 40.40
N TYR A 95 16.39 6.98 39.13
CA TYR A 95 17.35 7.52 38.13
C TYR A 95 16.62 8.44 37.15
N CYS A 96 17.16 9.65 36.93
CA CYS A 96 16.74 10.51 35.79
C CYS A 96 17.59 10.09 34.58
N ALA A 97 17.03 10.13 33.37
CA ALA A 97 17.69 9.67 32.13
C ALA A 97 17.40 10.65 30.99
N ALA A 98 18.36 10.83 30.09
CA ALA A 98 18.30 11.73 28.91
C ALA A 98 18.36 10.90 27.63
N SER A 99 17.38 11.07 26.74
CA SER A 99 17.39 10.62 25.34
C SER A 99 17.67 11.85 24.46
N VAL A 100 18.91 11.99 24.00
CA VAL A 100 19.41 13.25 23.36
C VAL A 100 18.95 13.31 21.90
N GLY A 101 18.66 14.52 21.42
CA GLY A 101 18.14 14.78 20.06
C GLY A 101 16.96 13.88 19.72
N ASN A 102 16.10 13.59 20.70
CA ASN A 102 14.94 12.68 20.56
C ASN A 102 13.65 13.48 20.71
N TYR A 103 12.89 13.57 19.63
CA TYR A 103 11.64 14.40 19.49
C TYR A 103 10.42 13.51 19.74
N GLY A 104 10.63 12.32 20.29
CA GLY A 104 9.59 11.32 20.59
C GLY A 104 9.33 11.24 22.09
N LEU A 105 8.76 10.12 22.53
CA LEU A 105 8.35 9.88 23.94
C LEU A 105 8.87 8.52 24.38
N PRO A 106 10.19 8.39 24.65
CA PRO A 106 10.80 7.10 24.98
C PRO A 106 10.39 6.61 26.38
N TRP A 107 10.27 5.28 26.55
CA TRP A 107 9.94 4.63 27.84
C TRP A 107 10.76 3.34 28.06
N ALA A 108 11.52 2.88 27.08
CA ALA A 108 12.40 1.69 27.19
C ALA A 108 13.81 2.15 27.53
N HIS A 109 14.53 1.41 28.39
CA HIS A 109 15.85 1.79 28.94
C HIS A 109 16.86 2.01 27.79
N PHE A 110 16.84 1.15 26.77
CA PHE A 110 17.79 1.20 25.62
C PHE A 110 17.57 2.45 24.76
N GLU A 111 16.44 3.15 24.89
CA GLU A 111 16.13 4.37 24.10
C GLU A 111 16.78 5.61 24.76
N TYR A 112 17.33 5.45 25.97
CA TYR A 112 18.00 6.55 26.73
C TYR A 112 19.52 6.40 26.60
N ASP A 113 20.23 7.52 26.72
CA ASP A 113 21.67 7.65 26.36
C ASP A 113 22.51 7.93 27.61
N PHE A 114 22.04 8.78 28.51
CA PHE A 114 22.78 9.22 29.72
C PHE A 114 21.91 9.05 30.96
N TRP A 115 22.54 8.67 32.08
CA TRP A 115 21.88 8.30 33.36
C TRP A 115 22.53 9.06 34.53
N GLY A 116 21.72 9.51 35.48
CA GLY A 116 22.19 10.01 36.79
C GLY A 116 22.68 8.86 37.64
N GLN A 117 23.35 9.16 38.76
CA GLN A 117 23.87 8.14 39.70
C GLN A 117 22.71 7.45 40.42
N GLY A 118 21.57 8.16 40.55
CA GLY A 118 20.34 7.65 41.18
C GLY A 118 20.27 8.07 42.64
N ILE A 119 19.08 8.42 43.12
CA ILE A 119 18.84 8.89 44.52
C ILE A 119 17.84 7.95 45.20
N GLN A 120 18.10 7.61 46.46
CA GLN A 120 17.28 6.67 47.28
C GLN A 120 16.02 7.41 47.75
N VAL A 121 14.84 6.85 47.45
CA VAL A 121 13.53 7.25 48.04
C VAL A 121 13.02 6.05 48.85
N THR A 122 12.92 6.20 50.17
CA THR A 122 12.38 5.18 51.10
C THR A 122 11.15 5.75 51.79
N VAL A 123 9.99 5.10 51.62
CA VAL A 123 8.66 5.62 52.06
C VAL A 123 8.25 4.89 53.34
N ASN B 2 2.96 23.43 -8.58
CA ASN B 2 1.66 22.80 -8.17
C ASN B 2 1.90 21.33 -7.84
N ILE B 3 2.78 21.05 -6.88
CA ILE B 3 3.13 19.67 -6.39
C ILE B 3 1.84 18.93 -6.05
N THR B 4 1.86 17.60 -6.19
CA THR B 4 0.65 16.75 -6.37
C THR B 4 0.36 15.94 -5.09
N ASN B 5 -0.67 16.35 -4.34
CA ASN B 5 -1.33 15.51 -3.31
C ASN B 5 -0.49 15.47 -2.02
N LEU B 6 -1.08 14.91 -0.95
CA LEU B 6 -0.41 14.65 0.35
C LEU B 6 0.60 13.50 0.18
N CYS B 7 1.80 13.65 0.76
CA CYS B 7 2.87 12.62 0.73
C CYS B 7 2.36 11.36 1.43
N PRO B 8 2.59 10.16 0.85
CA PRO B 8 2.05 8.92 1.41
C PRO B 8 2.84 8.33 2.59
N PHE B 9 3.02 9.10 3.66
CA PHE B 9 3.68 8.63 4.91
C PHE B 9 2.79 7.58 5.59
N GLY B 10 1.47 7.73 5.47
CA GLY B 10 0.48 6.76 5.96
C GLY B 10 0.80 5.36 5.49
N GLU B 11 1.08 5.20 4.19
CA GLU B 11 1.41 3.89 3.55
C GLU B 11 2.66 3.30 4.22
N VAL B 12 3.63 4.14 4.58
CA VAL B 12 4.93 3.70 5.18
C VAL B 12 4.69 3.34 6.65
N PHE B 13 4.20 4.29 7.45
CA PHE B 13 4.11 4.17 8.92
C PHE B 13 3.01 3.17 9.32
N ASN B 14 1.92 3.10 8.54
CA ASN B 14 0.68 2.34 8.90
C ASN B 14 0.50 1.12 7.99
N ALA B 15 1.53 0.74 7.22
CA ALA B 15 1.57 -0.53 6.47
C ALA B 15 1.21 -1.68 7.42
N THR B 16 0.40 -2.64 6.99
CA THR B 16 -0.12 -3.74 7.85
C THR B 16 1.05 -4.69 8.18
N ARG B 17 1.93 -4.94 7.20
CA ARG B 17 3.22 -5.67 7.38
C ARG B 17 4.39 -4.75 7.03
N PHE B 18 5.52 -4.91 7.72
CA PHE B 18 6.81 -4.24 7.42
C PHE B 18 7.76 -5.26 6.78
N ALA B 19 8.82 -4.76 6.15
CA ALA B 19 9.91 -5.57 5.55
C ALA B 19 10.75 -6.18 6.66
N SER B 20 11.31 -7.38 6.43
CA SER B 20 12.47 -7.91 7.17
C SER B 20 13.65 -6.96 7.01
N VAL B 21 14.45 -6.77 8.06
CA VAL B 21 15.58 -5.78 8.07
C VAL B 21 16.58 -6.12 6.95
N TYR B 22 16.85 -7.40 6.66
CA TYR B 22 17.83 -7.82 5.63
C TYR B 22 17.35 -7.36 4.26
N ALA B 23 16.04 -7.42 4.01
CA ALA B 23 15.38 -6.98 2.76
C ALA B 23 14.65 -5.67 3.01
N TRP B 24 15.30 -4.73 3.70
CA TRP B 24 14.67 -3.45 4.13
C TRP B 24 14.06 -2.73 2.93
N ASN B 25 12.91 -2.09 3.15
CA ASN B 25 12.16 -1.38 2.09
C ASN B 25 12.60 0.08 2.05
N ARG B 26 12.71 0.64 0.84
CA ARG B 26 12.91 2.08 0.57
C ARG B 26 11.74 2.57 -0.30
N LYS B 27 10.99 3.56 0.20
CA LYS B 27 10.00 4.33 -0.58
C LYS B 27 10.62 5.71 -0.86
N ARG B 28 10.82 6.04 -2.13
CA ARG B 28 11.24 7.40 -2.55
C ARG B 28 9.98 8.26 -2.57
N ILE B 29 10.00 9.37 -1.82
CA ILE B 29 8.87 10.31 -1.70
C ILE B 29 9.21 11.57 -2.51
N SER B 30 8.33 11.93 -3.44
CA SER B 30 8.51 13.06 -4.39
C SER B 30 7.15 13.63 -4.79
N ASN B 31 7.13 14.89 -5.23
CA ASN B 31 5.97 15.56 -5.87
C ASN B 31 4.76 15.47 -4.94
N CYS B 32 4.90 15.95 -3.69
CA CYS B 32 3.81 15.87 -2.67
C CYS B 32 4.05 16.87 -1.53
N VAL B 33 2.97 17.24 -0.83
CA VAL B 33 3.00 18.10 0.39
C VAL B 33 3.15 17.18 1.60
N ALA B 34 4.24 17.33 2.35
CA ALA B 34 4.60 16.49 3.51
C ALA B 34 4.15 17.18 4.79
N ASP B 35 3.17 16.63 5.48
CA ASP B 35 2.78 17.08 6.84
C ASP B 35 3.58 16.29 7.87
N TYR B 36 4.69 16.85 8.37
CA TYR B 36 5.61 16.20 9.32
C TYR B 36 5.09 16.31 10.77
N SER B 37 4.20 17.28 11.03
CA SER B 37 3.60 17.54 12.37
C SER B 37 2.81 16.33 12.88
N VAL B 38 2.21 15.54 11.98
CA VAL B 38 1.49 14.27 12.29
C VAL B 38 2.48 13.25 12.87
N LEU B 39 3.78 13.43 12.66
CA LEU B 39 4.85 12.56 13.18
C LEU B 39 5.33 13.07 14.55
N TYR B 40 5.86 14.29 14.61
CA TYR B 40 6.60 14.80 15.80
C TYR B 40 5.63 15.24 16.90
N ASN B 41 4.34 15.43 16.60
CA ASN B 41 3.31 15.75 17.62
C ASN B 41 2.70 14.46 18.19
N SER B 42 3.03 13.30 17.62
CA SER B 42 2.55 11.98 18.09
C SER B 42 3.27 11.61 19.40
N ALA B 43 2.57 10.92 20.31
CA ALA B 43 3.15 10.30 21.53
C ALA B 43 3.45 8.82 21.26
N SER B 44 3.13 8.34 20.06
CA SER B 44 3.22 6.91 19.65
C SER B 44 4.64 6.52 19.24
N PHE B 45 5.52 7.49 18.91
CA PHE B 45 6.94 7.23 18.53
C PHE B 45 7.83 7.46 19.75
N SER B 46 8.41 6.38 20.27
CA SER B 46 9.28 6.37 21.47
C SER B 46 10.69 6.82 21.07
N THR B 47 11.15 6.45 19.87
CA THR B 47 12.40 6.96 19.24
C THR B 47 12.04 7.86 18.05
N PHE B 48 12.50 9.09 18.07
CA PHE B 48 12.44 10.08 16.96
C PHE B 48 13.73 10.90 17.03
N LYS B 49 14.86 10.25 16.74
CA LYS B 49 16.22 10.84 16.86
C LYS B 49 16.61 11.44 15.51
N CYS B 50 16.78 12.76 15.47
CA CYS B 50 17.24 13.49 14.27
C CYS B 50 18.70 13.90 14.46
N TYR B 51 19.41 14.03 13.33
CA TYR B 51 20.84 14.41 13.22
C TYR B 51 20.92 15.48 12.12
N GLY B 52 21.21 16.74 12.50
CA GLY B 52 21.43 17.86 11.58
C GLY B 52 20.14 18.54 11.11
N VAL B 53 18.99 17.88 11.26
CA VAL B 53 17.67 18.40 10.78
C VAL B 53 16.74 18.52 11.99
N SER B 54 16.06 19.66 12.14
CA SER B 54 15.01 19.88 13.17
C SER B 54 13.66 19.60 12.56
N PRO B 55 12.87 18.65 13.13
CA PRO B 55 11.54 18.35 12.62
C PRO B 55 10.62 19.56 12.44
N THR B 56 10.72 20.54 13.34
CA THR B 56 9.87 21.76 13.42
C THR B 56 10.02 22.63 12.16
N LYS B 57 11.19 22.63 11.53
CA LYS B 57 11.50 23.49 10.36
C LYS B 57 11.03 22.81 9.07
N LEU B 58 10.85 21.49 9.08
CA LEU B 58 10.53 20.65 7.88
C LEU B 58 9.22 21.12 7.23
N ASN B 59 8.26 21.59 8.03
CA ASN B 59 6.92 22.05 7.56
C ASN B 59 7.04 23.34 6.74
N ASP B 60 8.20 24.01 6.79
CA ASP B 60 8.46 25.27 6.02
C ASP B 60 9.61 25.05 5.03
N LEU B 61 10.02 23.80 4.80
CA LEU B 61 11.21 23.46 3.98
C LEU B 61 10.79 22.60 2.77
N CYS B 62 11.58 22.68 1.69
CA CYS B 62 11.38 21.96 0.42
C CYS B 62 12.63 21.13 0.10
N PHE B 63 12.43 19.90 -0.38
CA PHE B 63 13.51 18.96 -0.77
C PHE B 63 13.22 18.40 -2.17
N THR B 64 14.29 18.04 -2.88
CA THR B 64 14.24 17.34 -4.19
C THR B 64 13.55 16.00 -3.99
N ASN B 65 13.99 15.25 -2.96
CA ASN B 65 13.48 13.90 -2.60
C ASN B 65 13.58 13.69 -1.09
N VAL B 66 12.61 12.98 -0.53
CA VAL B 66 12.68 12.37 0.82
C VAL B 66 12.66 10.86 0.64
N TYR B 67 13.48 10.14 1.39
CA TYR B 67 13.57 8.65 1.38
C TYR B 67 13.12 8.12 2.74
N ALA B 68 12.15 7.22 2.73
CA ALA B 68 11.65 6.48 3.91
C ALA B 68 12.11 5.03 3.78
N ASP B 69 13.09 4.62 4.60
CA ASP B 69 13.50 3.21 4.77
C ASP B 69 12.73 2.64 5.97
N SER B 70 12.07 1.49 5.78
CA SER B 70 11.23 0.82 6.80
C SER B 70 11.65 -0.64 6.95
N PHE B 71 11.56 -1.17 8.17
CA PHE B 71 11.89 -2.58 8.54
C PHE B 71 11.54 -2.80 10.02
N VAL B 72 11.58 -4.07 10.44
CA VAL B 72 11.38 -4.49 11.87
C VAL B 72 12.70 -5.08 12.40
N ILE B 73 13.08 -4.68 13.60
CA ILE B 73 14.18 -5.26 14.42
C ILE B 73 13.66 -5.45 15.84
N ARG B 74 14.42 -6.07 16.74
CA ARG B 74 14.03 -6.18 18.17
CA ARG B 74 14.03 -6.18 18.17
C ARG B 74 14.55 -4.94 18.92
N GLY B 75 13.94 -4.63 20.07
CA GLY B 75 14.17 -3.40 20.85
C GLY B 75 15.64 -3.11 21.11
N ASP B 76 16.41 -4.12 21.54
CA ASP B 76 17.84 -4.00 21.92
C ASP B 76 18.69 -3.49 20.74
N GLU B 77 18.20 -3.63 19.51
CA GLU B 77 18.96 -3.33 18.27
C GLU B 77 18.64 -1.93 17.74
N VAL B 78 17.65 -1.23 18.31
CA VAL B 78 17.22 0.12 17.83
C VAL B 78 18.38 1.11 17.97
N ARG B 79 19.26 0.93 18.94
CA ARG B 79 20.44 1.81 19.14
C ARG B 79 21.46 1.62 18.00
N GLN B 80 21.41 0.49 17.28
CA GLN B 80 22.32 0.19 16.14
C GLN B 80 21.93 1.00 14.91
N ILE B 81 20.68 1.49 14.83
CA ILE B 81 20.18 2.33 13.71
C ILE B 81 20.53 3.78 14.02
N ALA B 82 21.83 4.08 13.98
CA ALA B 82 22.42 5.40 14.29
C ALA B 82 23.84 5.46 13.71
N PRO B 83 24.40 6.65 13.47
CA PRO B 83 25.75 6.74 12.89
C PRO B 83 26.83 6.10 13.79
N GLY B 84 27.78 5.40 13.19
CA GLY B 84 29.00 4.89 13.85
C GLY B 84 28.72 3.72 14.79
N GLN B 85 27.62 2.99 14.58
CA GLN B 85 27.27 1.80 15.41
C GLN B 85 27.76 0.53 14.74
N THR B 86 27.95 -0.54 15.54
CA THR B 86 28.31 -1.90 15.08
C THR B 86 27.37 -2.91 15.75
N GLY B 87 27.40 -4.18 15.32
CA GLY B 87 26.45 -5.24 15.70
C GLY B 87 25.87 -5.91 14.47
N LYS B 88 25.11 -6.99 14.64
CA LYS B 88 24.57 -7.82 13.52
C LYS B 88 23.79 -6.94 12.55
N ILE B 89 23.04 -5.95 13.05
CA ILE B 89 22.11 -5.12 12.22
C ILE B 89 22.93 -4.11 11.42
N ALA B 90 23.69 -3.26 12.11
CA ALA B 90 24.56 -2.21 11.51
C ALA B 90 25.54 -2.85 10.52
N ASP B 91 26.10 -4.00 10.87
CA ASP B 91 27.15 -4.70 10.09
C ASP B 91 26.55 -5.39 8.85
N TYR B 92 25.46 -6.15 9.01
CA TYR B 92 25.00 -7.16 8.01
C TYR B 92 23.60 -6.86 7.45
N ASN B 93 22.83 -5.91 7.98
CA ASN B 93 21.40 -5.75 7.62
C ASN B 93 21.10 -4.34 7.12
N TYR B 94 21.28 -3.32 7.95
CA TYR B 94 21.02 -1.90 7.61
C TYR B 94 22.09 -1.03 8.28
N LYS B 95 22.86 -0.31 7.46
CA LYS B 95 24.01 0.53 7.88
C LYS B 95 23.73 1.99 7.51
N LEU B 96 23.56 2.86 8.52
CA LEU B 96 23.59 4.34 8.35
C LEU B 96 25.04 4.78 8.14
N PRO B 97 25.30 5.83 7.34
CA PRO B 97 26.66 6.37 7.22
C PRO B 97 27.07 7.13 8.49
N ASP B 98 28.38 7.18 8.77
CA ASP B 98 28.96 7.96 9.89
C ASP B 98 28.39 9.39 9.87
N ASP B 99 28.18 9.96 8.68
CA ASP B 99 27.75 11.39 8.53
C ASP B 99 26.25 11.46 8.24
N PHE B 100 25.46 10.47 8.67
CA PHE B 100 23.99 10.42 8.48
C PHE B 100 23.37 11.74 8.97
N THR B 101 22.60 12.37 8.09
CA THR B 101 21.72 13.52 8.35
C THR B 101 20.29 13.06 8.03
N GLY B 102 19.42 13.11 9.02
CA GLY B 102 18.00 12.72 8.88
C GLY B 102 17.44 12.34 10.23
N CYS B 103 16.34 11.59 10.23
CA CYS B 103 15.62 11.19 11.47
C CYS B 103 15.45 9.66 11.46
N VAL B 104 15.68 9.03 12.61
CA VAL B 104 15.38 7.60 12.85
C VAL B 104 14.14 7.56 13.76
N ILE B 105 13.05 6.98 13.25
CA ILE B 105 11.74 6.86 13.98
C ILE B 105 11.49 5.38 14.24
N ALA B 106 11.25 5.02 15.51
CA ALA B 106 10.98 3.64 15.96
C ALA B 106 9.88 3.65 17.02
N TRP B 107 9.06 2.60 17.01
CA TRP B 107 8.01 2.36 18.03
C TRP B 107 7.87 0.86 18.25
N ASN B 108 7.51 0.49 19.48
CA ASN B 108 7.20 -0.92 19.89
C ASN B 108 5.98 -1.37 19.07
N SER B 109 6.10 -2.49 18.37
CA SER B 109 5.05 -3.05 17.47
C SER B 109 4.60 -4.42 17.97
N ASN B 110 4.77 -4.69 19.28
CA ASN B 110 4.44 -5.98 19.93
C ASN B 110 2.98 -6.34 19.63
N ASN B 111 2.08 -5.34 19.64
CA ASN B 111 0.62 -5.53 19.45
CA ASN B 111 0.63 -5.54 19.45
C ASN B 111 0.33 -5.92 17.99
N LEU B 112 1.21 -5.57 17.05
CA LEU B 112 1.02 -5.81 15.59
C LEU B 112 1.80 -7.04 15.13
N ASP B 113 3.05 -7.20 15.59
CA ASP B 113 4.07 -8.06 14.94
C ASP B 113 4.40 -9.29 15.79
N SER B 114 3.82 -9.42 16.98
CA SER B 114 3.94 -10.64 17.83
C SER B 114 2.63 -11.42 17.73
N LYS B 115 2.70 -12.75 17.86
CA LYS B 115 1.54 -13.67 17.86
C LYS B 115 1.79 -14.77 18.89
N VAL B 116 0.73 -15.23 19.57
CA VAL B 116 0.77 -16.43 20.46
C VAL B 116 1.30 -17.59 19.63
N GLY B 117 2.30 -18.32 20.14
CA GLY B 117 3.06 -19.35 19.40
C GLY B 117 4.29 -18.76 18.74
N GLY B 118 4.32 -17.44 18.54
CA GLY B 118 5.46 -16.70 17.97
C GLY B 118 5.26 -16.39 16.50
N ASN B 119 5.57 -15.15 16.09
CA ASN B 119 5.70 -14.75 14.66
C ASN B 119 7.19 -14.82 14.29
N TYR B 120 7.52 -15.60 13.27
CA TYR B 120 8.92 -15.88 12.84
C TYR B 120 9.16 -15.36 11.42
N ASN B 121 8.24 -14.56 10.86
CA ASN B 121 8.27 -14.13 9.45
C ASN B 121 9.30 -13.01 9.25
N TYR B 122 9.66 -12.29 10.32
CA TYR B 122 10.71 -11.24 10.29
C TYR B 122 12.08 -11.91 10.44
N LEU B 123 12.96 -11.68 9.47
CA LEU B 123 14.30 -12.31 9.37
C LEU B 123 15.39 -11.24 9.47
N TYR B 124 16.60 -11.66 9.84
CA TYR B 124 17.84 -10.86 9.76
C TYR B 124 18.97 -11.75 9.23
N ARG B 125 19.98 -11.13 8.61
CA ARG B 125 21.22 -11.80 8.17
C ARG B 125 22.13 -11.97 9.39
N LEU B 126 22.50 -13.23 9.70
CA LEU B 126 23.37 -13.64 10.83
C LEU B 126 24.84 -13.70 10.37
N PHE B 127 25.08 -14.05 9.10
CA PHE B 127 26.42 -14.28 8.51
C PHE B 127 26.62 -13.41 7.26
N ARG B 128 27.81 -12.83 7.14
CA ARG B 128 28.26 -12.11 5.92
C ARG B 128 29.79 -12.04 5.92
N LYS B 129 30.41 -12.07 4.74
CA LYS B 129 31.89 -12.12 4.54
C LYS B 129 32.51 -10.74 4.82
N SER B 130 31.70 -9.67 4.85
CA SER B 130 32.14 -8.29 5.17
C SER B 130 30.94 -7.43 5.59
N ASN B 131 31.20 -6.28 6.19
CA ASN B 131 30.17 -5.33 6.65
C ASN B 131 29.56 -4.60 5.44
N LEU B 132 28.25 -4.31 5.48
CA LEU B 132 27.56 -3.48 4.48
C LEU B 132 28.20 -2.09 4.46
N LYS B 133 28.33 -1.50 3.28
CA LYS B 133 28.56 -0.05 3.10
C LYS B 133 27.27 0.68 3.47
N PRO B 134 27.33 1.99 3.82
CA PRO B 134 26.10 2.73 4.13
C PRO B 134 25.02 2.57 3.06
N PHE B 135 23.80 2.26 3.49
CA PHE B 135 22.57 2.16 2.65
C PHE B 135 22.68 0.99 1.67
N GLU B 136 23.61 0.05 1.88
CA GLU B 136 23.72 -1.18 1.05
C GLU B 136 22.64 -2.17 1.51
N ARG B 137 22.14 -2.97 0.58
CA ARG B 137 21.05 -3.98 0.80
C ARG B 137 21.51 -5.31 0.20
N ASP B 138 21.50 -6.38 1.00
CA ASP B 138 21.92 -7.74 0.58
C ASP B 138 20.75 -8.69 0.85
N ILE B 139 20.10 -9.17 -0.21
CA ILE B 139 18.94 -10.12 -0.14
C ILE B 139 19.37 -11.48 -0.70
N SER B 140 20.68 -11.71 -0.88
CA SER B 140 21.23 -13.01 -1.32
C SER B 140 20.92 -14.06 -0.26
N THR B 141 20.69 -15.30 -0.68
CA THR B 141 20.26 -16.44 0.17
C THR B 141 21.14 -17.65 -0.10
N GLU B 142 22.39 -17.42 -0.55
CA GLU B 142 23.38 -18.49 -0.80
C GLU B 142 23.89 -18.99 0.56
N ILE B 143 24.15 -20.30 0.66
CA ILE B 143 24.76 -20.92 1.87
C ILE B 143 26.05 -20.16 2.17
N TYR B 144 26.20 -19.69 3.41
CA TYR B 144 27.44 -19.05 3.92
C TYR B 144 28.50 -20.15 4.10
N GLN B 145 29.58 -20.07 3.31
CA GLN B 145 30.74 -20.98 3.37
C GLN B 145 31.73 -20.39 4.39
N ALA B 146 31.72 -20.90 5.62
CA ALA B 146 32.50 -20.38 6.77
C ALA B 146 33.92 -20.93 6.74
N GLY B 147 34.16 -22.04 6.02
CA GLY B 147 35.47 -22.72 5.90
C GLY B 147 35.99 -22.68 4.48
N SER B 148 36.98 -23.52 4.19
CA SER B 148 37.71 -23.56 2.88
C SER B 148 37.02 -24.53 1.91
N THR B 149 36.28 -25.50 2.45
CA THR B 149 35.54 -26.54 1.69
C THR B 149 34.26 -25.92 1.13
N PRO B 150 34.01 -26.03 -0.21
CA PRO B 150 32.75 -25.56 -0.80
C PRO B 150 31.55 -26.35 -0.26
N CYS B 151 30.39 -25.70 -0.21
CA CYS B 151 29.12 -26.27 0.33
C CYS B 151 28.36 -27.04 -0.77
N ASN B 152 28.44 -26.61 -2.03
CA ASN B 152 27.77 -27.26 -3.18
C ASN B 152 26.28 -27.49 -2.89
N GLY B 153 25.60 -26.47 -2.33
CA GLY B 153 24.16 -26.47 -2.05
C GLY B 153 23.75 -27.37 -0.89
N VAL B 154 24.70 -27.82 -0.07
CA VAL B 154 24.39 -28.67 1.12
C VAL B 154 24.90 -27.98 2.38
N GLU B 155 24.03 -27.80 3.37
CA GLU B 155 24.38 -27.24 4.70
C GLU B 155 25.02 -28.36 5.51
N GLY B 156 25.93 -28.00 6.41
CA GLY B 156 26.75 -28.91 7.24
C GLY B 156 27.81 -28.14 7.98
N PHE B 157 28.90 -28.81 8.38
CA PHE B 157 30.05 -28.14 9.02
C PHE B 157 30.49 -26.95 8.16
N ASN B 158 30.59 -25.77 8.77
CA ASN B 158 31.06 -24.51 8.13
C ASN B 158 30.22 -24.18 6.88
N CYS B 159 28.97 -24.66 6.82
CA CYS B 159 28.02 -24.43 5.69
C CYS B 159 26.62 -24.17 6.26
N TYR B 160 26.31 -22.89 6.48
CA TYR B 160 25.14 -22.43 7.28
C TYR B 160 24.26 -21.53 6.41
N PHE B 161 22.94 -21.57 6.61
CA PHE B 161 21.97 -20.64 5.99
C PHE B 161 22.24 -19.25 6.57
N PRO B 162 22.36 -18.19 5.74
CA PRO B 162 22.75 -16.87 6.23
C PRO B 162 21.64 -16.10 6.97
N LEU B 163 20.38 -16.53 6.87
CA LEU B 163 19.21 -15.82 7.47
C LEU B 163 18.70 -16.59 8.69
N GLN B 164 18.03 -15.86 9.59
CA GLN B 164 17.52 -16.36 10.89
C GLN B 164 16.26 -15.57 11.24
N SER B 165 15.22 -16.25 11.72
CA SER B 165 13.96 -15.64 12.24
C SER B 165 14.24 -14.96 13.58
N TYR B 166 13.69 -13.77 13.80
CA TYR B 166 13.31 -13.28 15.15
C TYR B 166 12.17 -14.18 15.66
N GLY B 167 12.11 -14.40 16.98
CA GLY B 167 11.02 -15.13 17.64
C GLY B 167 10.15 -14.17 18.43
N PHE B 168 9.28 -13.42 17.75
CA PHE B 168 8.42 -12.39 18.39
C PHE B 168 7.20 -13.08 19.01
N GLN B 169 7.21 -13.18 20.33
CA GLN B 169 6.08 -13.66 21.18
C GLN B 169 5.64 -12.51 22.09
N PRO B 170 4.34 -12.40 22.44
CA PRO B 170 3.86 -11.30 23.26
C PRO B 170 4.58 -11.17 24.61
N THR B 171 4.95 -12.31 25.21
CA THR B 171 5.53 -12.47 26.56
C THR B 171 7.05 -12.18 26.58
N ASN B 172 7.65 -11.87 25.43
CA ASN B 172 9.08 -11.46 25.32
C ASN B 172 9.34 -10.25 26.23
N GLY B 173 10.56 -10.14 26.76
CA GLY B 173 11.09 -8.89 27.34
C GLY B 173 11.18 -7.81 26.28
N VAL B 174 11.09 -6.53 26.68
CA VAL B 174 10.99 -5.36 25.76
C VAL B 174 12.15 -5.39 24.76
N GLY B 175 13.36 -5.77 25.21
CA GLY B 175 14.55 -5.89 24.37
C GLY B 175 14.36 -6.84 23.19
N TYR B 176 13.53 -7.88 23.37
CA TYR B 176 13.27 -8.95 22.38
C TYR B 176 11.89 -8.78 21.73
N GLN B 177 11.20 -7.68 22.03
CA GLN B 177 9.91 -7.32 21.38
C GLN B 177 10.20 -6.64 20.04
N PRO B 178 9.30 -6.74 19.05
CA PRO B 178 9.52 -6.14 17.74
C PRO B 178 9.38 -4.62 17.80
N TYR B 179 10.26 -3.91 17.09
CA TYR B 179 10.19 -2.44 16.89
C TYR B 179 10.14 -2.16 15.39
N ARG B 180 9.11 -1.44 14.96
CA ARG B 180 9.02 -0.87 13.59
C ARG B 180 9.90 0.38 13.52
N VAL B 181 10.66 0.51 12.44
CA VAL B 181 11.66 1.59 12.22
C VAL B 181 11.38 2.25 10.86
N VAL B 182 11.40 3.58 10.83
CA VAL B 182 11.38 4.40 9.59
C VAL B 182 12.55 5.38 9.66
N VAL B 183 13.50 5.26 8.74
CA VAL B 183 14.65 6.19 8.56
C VAL B 183 14.31 7.17 7.44
N LEU B 184 14.13 8.45 7.78
CA LEU B 184 13.89 9.54 6.80
C LEU B 184 15.23 10.19 6.43
N SER B 185 15.61 10.09 5.15
CA SER B 185 16.74 10.84 4.54
C SER B 185 16.18 11.99 3.71
N PHE B 186 16.80 13.17 3.78
CA PHE B 186 16.37 14.40 3.07
C PHE B 186 17.43 14.77 2.04
N GLU B 187 17.06 14.75 0.76
CA GLU B 187 17.97 14.97 -0.39
C GLU B 187 17.71 16.36 -0.97
N LEU B 188 18.79 17.13 -1.17
CA LEU B 188 18.78 18.48 -1.80
C LEU B 188 19.83 18.49 -2.91
N LEU B 189 19.38 18.54 -4.17
CA LEU B 189 20.23 18.55 -5.39
C LEU B 189 20.01 19.86 -6.15
N HIS B 190 20.87 20.17 -7.12
CA HIS B 190 20.66 21.29 -8.09
C HIS B 190 19.57 20.85 -9.06
N ALA B 191 18.32 20.89 -8.59
CA ALA B 191 17.11 20.38 -9.29
C ALA B 191 15.87 21.00 -8.64
N PRO B 192 14.70 20.96 -9.31
CA PRO B 192 13.46 21.44 -8.69
C PRO B 192 13.11 20.63 -7.44
N ALA B 193 12.74 21.31 -6.35
CA ALA B 193 12.20 20.71 -5.11
C ALA B 193 10.77 20.24 -5.38
N THR B 194 10.44 19.00 -4.98
CA THR B 194 9.12 18.37 -5.26
C THR B 194 8.43 17.97 -3.95
N VAL B 195 9.15 17.96 -2.81
CA VAL B 195 8.59 17.61 -1.48
C VAL B 195 8.69 18.83 -0.56
N CYS B 196 7.57 19.54 -0.37
CA CYS B 196 7.48 20.77 0.46
C CYS B 196 6.52 20.54 1.63
N GLY B 197 6.76 21.22 2.76
CA GLY B 197 5.84 21.25 3.92
C GLY B 197 4.60 22.08 3.60
N PRO B 198 3.53 21.98 4.41
CA PRO B 198 2.28 22.69 4.14
C PRO B 198 2.42 24.22 4.10
N LYS B 199 3.46 24.77 4.71
CA LYS B 199 3.73 26.24 4.79
C LYS B 199 4.60 26.69 3.59
N LYS B 200 4.90 25.77 2.66
CA LYS B 200 5.74 26.02 1.45
C LYS B 200 7.12 26.52 1.87
N VAL C 4 -2.49 -24.27 4.57
CA VAL C 4 -2.20 -24.83 3.20
C VAL C 4 -2.14 -26.35 3.31
N GLN C 5 -2.60 -27.06 2.26
CA GLN C 5 -2.56 -28.55 2.19
CA GLN C 5 -2.56 -28.54 2.18
C GLN C 5 -1.28 -28.96 1.44
N LEU C 6 -0.48 -29.82 2.08
CA LEU C 6 0.66 -30.52 1.45
C LEU C 6 0.14 -31.88 1.02
N VAL C 7 0.23 -32.19 -0.28
CA VAL C 7 -0.17 -33.50 -0.86
C VAL C 7 1.10 -34.33 -1.05
N GLU C 8 1.12 -35.52 -0.44
CA GLU C 8 2.30 -36.42 -0.34
C GLU C 8 1.96 -37.75 -1.05
N SER C 9 2.92 -38.31 -1.79
CA SER C 9 2.80 -39.63 -2.45
C SER C 9 4.19 -40.29 -2.58
N GLY C 10 4.23 -41.53 -3.07
CA GLY C 10 5.42 -42.39 -3.12
C GLY C 10 5.34 -43.48 -2.08
N GLY C 11 6.48 -44.05 -1.69
CA GLY C 11 6.56 -45.10 -0.66
C GLY C 11 6.50 -46.49 -1.27
N GLY C 12 5.83 -47.44 -0.60
CA GLY C 12 5.72 -48.85 -1.02
C GLY C 12 6.84 -49.70 -0.45
N LEU C 13 6.91 -50.97 -0.89
CA LEU C 13 7.91 -51.98 -0.43
C LEU C 13 9.08 -52.00 -1.41
N VAL C 14 10.30 -52.20 -0.92
CA VAL C 14 11.53 -52.39 -1.74
C VAL C 14 12.53 -53.27 -0.98
N LYS C 15 13.41 -53.97 -1.69
CA LYS C 15 14.51 -54.80 -1.10
C LYS C 15 15.60 -53.87 -0.56
N THR C 16 16.39 -54.35 0.41
CA THR C 16 17.59 -53.65 0.96
C THR C 16 18.53 -53.28 -0.21
N GLY C 17 18.99 -52.02 -0.25
CA GLY C 17 19.84 -51.49 -1.33
C GLY C 17 19.03 -50.87 -2.46
N GLY C 18 17.70 -50.99 -2.43
CA GLY C 18 16.78 -50.48 -3.46
C GLY C 18 16.56 -48.98 -3.34
N SER C 19 15.75 -48.41 -4.24
CA SER C 19 15.49 -46.96 -4.35
C SER C 19 13.98 -46.66 -4.32
N LEU C 20 13.61 -45.51 -3.75
CA LEU C 20 12.23 -44.98 -3.74
C LEU C 20 12.28 -43.44 -3.87
N ARG C 21 11.15 -42.84 -4.26
CA ARG C 21 11.00 -41.38 -4.49
C ARG C 21 9.67 -40.93 -3.90
N LEU C 22 9.70 -40.36 -2.70
CA LEU C 22 8.53 -39.68 -2.09
C LEU C 22 8.34 -38.34 -2.82
N SER C 23 7.09 -37.86 -2.86
CA SER C 23 6.69 -36.56 -3.48
C SER C 23 5.90 -35.74 -2.45
N CYS C 24 6.14 -34.43 -2.44
CA CYS C 24 5.38 -33.44 -1.65
C CYS C 24 5.06 -32.23 -2.52
N ALA C 25 3.77 -31.92 -2.69
CA ALA C 25 3.27 -30.85 -3.58
C ALA C 25 2.46 -29.84 -2.75
N ALA C 26 2.61 -28.55 -3.08
CA ALA C 26 1.92 -27.40 -2.44
C ALA C 26 1.78 -26.30 -3.49
N SER C 27 0.61 -25.67 -3.59
CA SER C 27 0.26 -24.78 -4.72
C SER C 27 1.12 -23.51 -4.67
N GLY C 28 1.52 -23.03 -5.84
CA GLY C 28 2.09 -21.69 -6.06
C GLY C 28 3.38 -21.47 -5.29
N ARG C 29 3.45 -20.35 -4.56
CA ARG C 29 4.71 -19.80 -3.98
C ARG C 29 4.99 -20.39 -2.59
N THR C 30 4.21 -21.38 -2.15
CA THR C 30 4.33 -22.01 -0.82
C THR C 30 5.80 -22.41 -0.56
N PHE C 31 6.36 -23.31 -1.38
CA PHE C 31 7.73 -23.87 -1.19
C PHE C 31 8.78 -22.79 -1.46
N SER C 32 8.42 -21.75 -2.21
CA SER C 32 9.27 -20.57 -2.50
C SER C 32 9.26 -19.58 -1.32
N THR C 33 8.36 -19.76 -0.35
CA THR C 33 8.17 -18.87 0.82
C THR C 33 8.61 -19.57 2.12
N TYR C 34 8.36 -20.87 2.25
CA TYR C 34 8.61 -21.64 3.50
C TYR C 34 9.47 -22.87 3.20
N SER C 35 10.61 -22.98 3.88
CA SER C 35 11.48 -24.18 3.87
C SER C 35 10.63 -25.41 4.23
N MET C 36 10.89 -26.53 3.58
CA MET C 36 10.15 -27.80 3.79
C MET C 36 11.08 -28.82 4.45
N GLY C 37 10.50 -29.78 5.16
CA GLY C 37 11.23 -30.86 5.87
C GLY C 37 10.57 -32.20 5.65
N TRP C 38 11.38 -33.24 5.44
CA TRP C 38 10.95 -34.66 5.48
C TRP C 38 11.24 -35.23 6.87
N PHE C 39 10.23 -35.83 7.49
CA PHE C 39 10.33 -36.54 8.79
C PHE C 39 9.87 -37.99 8.60
N ARG C 40 10.22 -38.86 9.53
CA ARG C 40 9.80 -40.29 9.54
C ARG C 40 9.50 -40.71 10.98
N GLN C 41 8.55 -41.64 11.13
CA GLN C 41 8.12 -42.20 12.44
C GLN C 41 7.99 -43.72 12.30
N ALA C 42 8.87 -44.47 12.96
CA ALA C 42 8.82 -45.94 13.10
C ALA C 42 7.87 -46.28 14.24
N PRO C 43 7.25 -47.49 14.27
CA PRO C 43 6.11 -47.78 15.14
C PRO C 43 6.11 -47.17 16.55
N GLY C 44 7.11 -47.50 17.37
CA GLY C 44 7.24 -47.04 18.77
C GLY C 44 8.41 -46.08 18.94
N LYS C 45 8.42 -44.96 18.21
CA LYS C 45 9.53 -43.96 18.19
C LYS C 45 8.98 -42.56 17.91
N GLU C 46 9.83 -41.55 18.14
CA GLU C 46 9.52 -40.12 17.94
C GLU C 46 9.68 -39.77 16.45
N ARG C 47 8.98 -38.72 15.99
CA ARG C 47 9.06 -38.19 14.61
C ARG C 47 10.42 -37.50 14.43
N GLU C 48 11.40 -38.20 13.84
CA GLU C 48 12.79 -37.68 13.67
C GLU C 48 12.92 -37.03 12.28
N PHE C 49 13.69 -35.94 12.22
CA PHE C 49 14.03 -35.22 10.97
C PHE C 49 14.85 -36.14 10.06
N VAL C 50 14.59 -36.08 8.74
CA VAL C 50 15.29 -36.90 7.71
C VAL C 50 16.12 -35.97 6.81
N ALA C 51 15.43 -35.09 6.07
CA ALA C 51 16.04 -34.19 5.05
C ALA C 51 15.09 -33.03 4.79
N GLY C 52 15.62 -31.90 4.31
CA GLY C 52 14.85 -30.67 4.06
C GLY C 52 15.45 -29.85 2.93
N MET C 53 14.69 -28.84 2.48
CA MET C 53 15.15 -27.87 1.45
C MET C 53 14.69 -26.46 1.86
N ARG C 54 15.59 -25.48 1.80
CA ARG C 54 15.29 -24.05 2.01
C ARG C 54 14.37 -23.57 0.88
N TRP C 55 13.57 -22.53 1.15
CA TRP C 55 12.60 -21.93 0.19
C TRP C 55 13.34 -21.50 -1.09
N THR C 56 14.66 -21.29 -1.00
CA THR C 56 15.52 -20.79 -2.10
C THR C 56 15.64 -21.83 -3.22
N GLY C 57 15.54 -23.12 -2.89
CA GLY C 57 15.79 -24.24 -3.82
C GLY C 57 17.27 -24.54 -3.98
N SER C 58 18.16 -23.72 -3.41
CA SER C 58 19.63 -23.75 -3.66
C SER C 58 20.36 -24.34 -2.43
N SER C 59 19.61 -24.81 -1.44
CA SER C 59 20.16 -25.38 -0.18
C SER C 59 19.29 -26.55 0.28
N THR C 60 19.92 -27.71 0.49
CA THR C 60 19.31 -28.90 1.14
C THR C 60 20.15 -29.27 2.37
N PHE C 61 19.56 -30.02 3.30
CA PHE C 61 20.21 -30.45 4.57
C PHE C 61 19.62 -31.80 4.98
N TYR C 62 20.41 -32.62 5.67
CA TYR C 62 20.18 -34.08 5.87
C TYR C 62 20.59 -34.47 7.29
N SER C 63 19.84 -35.37 7.93
CA SER C 63 20.21 -35.99 9.22
C SER C 63 21.48 -36.81 8.99
N ASP C 64 22.28 -37.01 10.06
CA ASP C 64 23.56 -37.76 10.00
C ASP C 64 23.32 -39.14 9.37
N SER C 65 22.13 -39.73 9.55
CA SER C 65 21.84 -41.14 9.21
C SER C 65 21.38 -41.32 7.75
N VAL C 66 21.18 -40.24 6.98
CA VAL C 66 20.76 -40.36 5.55
C VAL C 66 21.67 -39.53 4.63
N LYS C 67 22.42 -38.53 5.13
CA LYS C 67 23.32 -37.70 4.30
C LYS C 67 24.22 -38.63 3.46
N GLY C 68 24.22 -38.46 2.14
CA GLY C 68 25.03 -39.27 1.20
C GLY C 68 24.23 -40.39 0.56
N ARG C 69 23.08 -40.76 1.13
CA ARG C 69 22.18 -41.82 0.61
C ARG C 69 20.90 -41.21 0.04
N PHE C 70 20.32 -40.23 0.75
CA PHE C 70 19.09 -39.50 0.35
C PHE C 70 19.48 -38.13 -0.21
N THR C 71 18.73 -37.66 -1.20
CA THR C 71 18.85 -36.31 -1.81
C THR C 71 17.46 -35.72 -1.96
N VAL C 72 17.32 -34.42 -1.70
CA VAL C 72 16.07 -33.65 -1.94
C VAL C 72 16.28 -32.80 -3.19
N SER C 73 15.30 -32.80 -4.10
CA SER C 73 15.27 -31.95 -5.32
C SER C 73 13.88 -31.31 -5.42
N ARG C 74 13.74 -30.34 -6.34
CA ARG C 74 12.49 -29.59 -6.56
C ARG C 74 12.33 -29.41 -8.08
N ASN C 75 11.08 -29.39 -8.57
CA ASN C 75 10.76 -29.22 -10.00
C ASN C 75 10.95 -27.74 -10.40
N ASN C 76 10.97 -27.46 -11.71
CA ASN C 76 11.14 -26.10 -12.28
C ASN C 76 10.02 -25.17 -11.79
N ALA C 77 8.80 -25.70 -11.64
CA ALA C 77 7.61 -24.96 -11.15
C ALA C 77 7.83 -24.52 -9.70
N LYS C 78 8.63 -25.27 -8.93
CA LYS C 78 8.98 -25.01 -7.51
C LYS C 78 7.78 -25.31 -6.60
N ASP C 79 6.83 -26.13 -7.05
CA ASP C 79 5.60 -26.47 -6.31
C ASP C 79 5.63 -27.94 -5.87
N THR C 80 6.61 -28.72 -6.35
CA THR C 80 6.77 -30.16 -6.00
C THR C 80 8.21 -30.42 -5.57
N VAL C 81 8.38 -31.01 -4.39
CA VAL C 81 9.69 -31.41 -3.81
C VAL C 81 9.73 -32.94 -3.76
N TYR C 82 10.87 -33.53 -4.10
CA TYR C 82 11.09 -35.00 -4.16
C TYR C 82 12.15 -35.39 -3.12
N LEU C 83 11.89 -36.46 -2.36
CA LEU C 83 12.91 -37.15 -1.54
C LEU C 83 13.33 -38.42 -2.29
N HIS C 84 14.52 -38.38 -2.91
CA HIS C 84 15.15 -39.54 -3.59
C HIS C 84 15.85 -40.40 -2.54
N MET C 85 15.29 -41.57 -2.23
CA MET C 85 15.79 -42.51 -1.19
C MET C 85 16.54 -43.66 -1.88
N ASN C 86 17.88 -43.62 -1.84
CA ASN C 86 18.78 -44.63 -2.45
C ASN C 86 19.52 -45.39 -1.35
N SER C 87 20.02 -46.59 -1.66
CA SER C 87 20.81 -47.45 -0.74
C SER C 87 20.03 -47.65 0.56
N LEU C 88 18.77 -48.08 0.45
CA LEU C 88 17.81 -48.15 1.58
C LEU C 88 18.17 -49.33 2.49
N LYS C 89 18.17 -49.07 3.81
CA LYS C 89 18.40 -50.06 4.89
C LYS C 89 17.05 -50.46 5.49
N PRO C 90 16.96 -51.59 6.24
CA PRO C 90 15.77 -51.89 7.04
C PRO C 90 15.50 -50.82 8.11
N GLU C 91 16.57 -50.20 8.62
CA GLU C 91 16.54 -49.09 9.62
C GLU C 91 15.76 -47.89 9.07
N ASP C 92 15.58 -47.79 7.74
CA ASP C 92 14.86 -46.68 7.07
C ASP C 92 13.35 -46.90 7.09
N THR C 93 12.89 -48.11 7.46
CA THR C 93 11.45 -48.48 7.51
C THR C 93 10.72 -47.58 8.50
N ALA C 94 9.72 -46.82 8.03
CA ALA C 94 8.94 -45.85 8.82
C ALA C 94 7.81 -45.26 7.97
N VAL C 95 6.89 -44.54 8.61
CA VAL C 95 5.92 -43.63 7.94
C VAL C 95 6.63 -42.29 7.74
N TYR C 96 6.77 -41.84 6.49
CA TYR C 96 7.46 -40.59 6.11
C TYR C 96 6.43 -39.48 5.91
N TYR C 97 6.71 -38.30 6.44
CA TYR C 97 5.86 -37.08 6.36
C TYR C 97 6.71 -35.93 5.78
N CYS C 98 6.09 -35.05 4.99
CA CYS C 98 6.66 -33.74 4.62
C CYS C 98 5.90 -32.64 5.36
N ALA C 99 6.53 -31.47 5.51
CA ALA C 99 5.97 -30.32 6.25
C ALA C 99 6.74 -29.06 5.88
N ILE C 100 6.23 -27.90 6.28
CA ILE C 100 6.86 -26.56 6.07
C ILE C 100 7.01 -25.89 7.43
N THR C 101 7.93 -24.93 7.53
CA THR C 101 8.16 -24.12 8.75
C THR C 101 8.23 -22.63 8.37
N THR C 102 7.65 -21.76 9.21
CA THR C 102 7.85 -20.29 9.18
C THR C 102 9.13 -19.93 9.93
N ILE C 103 9.67 -20.86 10.73
CA ILE C 103 10.85 -20.63 11.61
C ILE C 103 12.11 -20.84 10.76
N VAL C 104 12.86 -19.77 10.54
CA VAL C 104 14.15 -19.78 9.77
C VAL C 104 15.28 -19.90 10.80
N ARG C 105 15.84 -21.11 10.92
CA ARG C 105 17.02 -21.42 11.76
C ARG C 105 18.24 -21.52 10.85
N ALA C 106 19.22 -20.62 11.01
CA ALA C 106 20.49 -20.58 10.25
C ALA C 106 21.18 -21.94 10.37
N TYR C 107 21.14 -22.54 11.56
CA TYR C 107 21.64 -23.90 11.85
C TYR C 107 20.47 -24.89 11.77
N TYR C 108 20.41 -25.68 10.67
CA TYR C 108 19.35 -26.68 10.41
C TYR C 108 19.38 -27.74 11.52
N THR C 109 20.53 -27.93 12.16
CA THR C 109 20.79 -28.90 13.25
C THR C 109 19.90 -28.61 14.48
N GLU C 110 19.24 -27.45 14.51
CA GLU C 110 18.35 -27.03 15.62
C GLU C 110 16.88 -27.26 15.27
N TYR C 111 16.57 -27.74 14.06
CA TYR C 111 15.17 -28.02 13.64
C TYR C 111 14.68 -29.28 14.37
N THR C 112 13.46 -29.22 14.90
CA THR C 112 12.67 -30.37 15.41
C THR C 112 11.28 -30.34 14.78
N GLU C 113 10.52 -31.43 14.89
CA GLU C 113 9.16 -31.59 14.31
C GLU C 113 8.25 -30.46 14.85
N ALA C 114 8.49 -29.99 16.07
CA ALA C 114 7.72 -28.92 16.74
C ALA C 114 7.77 -27.62 15.92
N ASP C 115 8.78 -27.43 15.08
CA ASP C 115 8.96 -26.20 14.25
C ASP C 115 8.05 -26.24 13.02
N PHE C 116 7.55 -27.42 12.65
CA PHE C 116 6.88 -27.66 11.34
C PHE C 116 5.37 -27.82 11.53
N GLY C 117 4.62 -27.50 10.47
CA GLY C 117 3.15 -27.58 10.39
C GLY C 117 2.71 -27.93 8.97
N SER C 118 1.41 -27.86 8.72
CA SER C 118 0.79 -28.26 7.42
C SER C 118 1.31 -29.64 7.03
N TRP C 119 1.33 -30.58 7.97
CA TRP C 119 1.83 -31.97 7.79
C TRP C 119 1.04 -32.64 6.66
N GLY C 120 1.75 -33.18 5.66
CA GLY C 120 1.18 -34.10 4.66
C GLY C 120 0.72 -35.38 5.33
N GLN C 121 -0.20 -36.10 4.69
CA GLN C 121 -0.62 -37.46 5.11
C GLN C 121 0.60 -38.38 5.01
N GLY C 122 0.89 -39.17 6.04
CA GLY C 122 2.04 -40.09 6.06
C GLY C 122 1.99 -41.09 4.91
N THR C 123 3.15 -41.45 4.35
CA THR C 123 3.30 -42.52 3.33
C THR C 123 4.28 -43.57 3.88
N GLN C 124 3.88 -44.84 3.85
CA GLN C 124 4.64 -45.97 4.43
C GLN C 124 5.81 -46.34 3.50
N VAL C 125 7.00 -46.47 4.06
CA VAL C 125 8.23 -46.98 3.39
C VAL C 125 8.70 -48.22 4.15
N THR C 126 8.82 -49.36 3.47
CA THR C 126 9.21 -50.67 4.06
C THR C 126 10.39 -51.26 3.28
N VAL C 127 11.48 -51.60 3.99
CA VAL C 127 12.74 -52.18 3.43
C VAL C 127 13.01 -53.50 4.15
N SER C 128 13.20 -54.60 3.40
CA SER C 128 13.53 -55.96 3.92
C SER C 128 14.46 -56.69 2.96
N GLN D 1 -6.86 9.68 -45.49
CA GLN D 1 -7.93 8.79 -44.98
C GLN D 1 -7.37 7.38 -44.77
N VAL D 2 -7.60 6.79 -43.59
CA VAL D 2 -7.30 5.36 -43.29
C VAL D 2 -8.39 4.52 -43.95
N GLN D 3 -7.99 3.59 -44.83
CA GLN D 3 -8.92 2.68 -45.55
C GLN D 3 -8.64 1.24 -45.11
N LEU D 4 -9.66 0.56 -44.61
CA LEU D 4 -9.59 -0.87 -44.24
C LEU D 4 -10.52 -1.66 -45.18
N VAL D 5 -9.94 -2.38 -46.15
CA VAL D 5 -10.68 -3.16 -47.17
C VAL D 5 -10.72 -4.63 -46.73
N GLU D 6 -11.91 -5.16 -46.44
CA GLU D 6 -12.13 -6.57 -46.03
C GLU D 6 -12.60 -7.38 -47.24
N SER D 7 -12.14 -8.63 -47.36
CA SER D 7 -12.60 -9.62 -48.36
C SER D 7 -12.50 -11.04 -47.79
N GLY D 8 -13.07 -12.03 -48.49
CA GLY D 8 -13.01 -13.46 -48.14
C GLY D 8 -14.25 -13.94 -47.42
N GLY D 9 -15.31 -13.13 -47.36
CA GLY D 9 -16.60 -13.49 -46.74
C GLY D 9 -17.48 -14.28 -47.69
N GLY D 10 -18.79 -14.26 -47.45
CA GLY D 10 -19.81 -14.88 -48.32
C GLY D 10 -20.53 -16.02 -47.63
N LEU D 11 -21.02 -16.99 -48.43
CA LEU D 11 -21.84 -18.15 -47.98
C LEU D 11 -20.93 -19.36 -47.80
N VAL D 12 -21.14 -20.11 -46.70
CA VAL D 12 -20.50 -21.43 -46.40
C VAL D 12 -21.52 -22.27 -45.60
N GLN D 13 -21.18 -23.52 -45.28
CA GLN D 13 -21.99 -24.40 -44.38
C GLN D 13 -21.11 -24.86 -43.23
N ALA D 14 -21.74 -25.31 -42.13
CA ALA D 14 -21.09 -25.74 -40.87
C ALA D 14 -19.95 -26.74 -41.18
N GLY D 15 -18.82 -26.60 -40.49
CA GLY D 15 -17.61 -27.43 -40.70
C GLY D 15 -16.73 -26.92 -41.84
N GLY D 16 -17.15 -25.83 -42.50
CA GLY D 16 -16.41 -25.19 -43.61
C GLY D 16 -15.31 -24.28 -43.09
N SER D 17 -14.27 -24.05 -43.91
CA SER D 17 -13.13 -23.14 -43.64
C SER D 17 -13.27 -21.87 -44.50
N LEU D 18 -13.27 -20.70 -43.85
CA LEU D 18 -13.37 -19.36 -44.48
C LEU D 18 -12.22 -18.50 -43.94
N ARG D 19 -11.50 -17.80 -44.83
CA ARG D 19 -10.32 -16.96 -44.48
C ARG D 19 -10.63 -15.49 -44.81
N LEU D 20 -10.98 -14.71 -43.78
CA LEU D 20 -11.17 -13.24 -43.91
C LEU D 20 -9.78 -12.60 -44.01
N SER D 21 -9.66 -11.56 -44.84
CA SER D 21 -8.45 -10.70 -44.98
C SER D 21 -8.88 -9.24 -44.90
N CYS D 22 -8.03 -8.39 -44.33
CA CYS D 22 -8.25 -6.93 -44.22
C CYS D 22 -6.96 -6.20 -44.60
N ALA D 23 -6.96 -5.51 -45.74
CA ALA D 23 -5.85 -4.68 -46.26
C ALA D 23 -6.04 -3.24 -45.76
N ALA D 24 -4.99 -2.66 -45.16
CA ALA D 24 -5.00 -1.32 -44.55
C ALA D 24 -4.14 -0.36 -45.37
N SER D 25 -4.64 0.85 -45.61
CA SER D 25 -3.87 1.96 -46.23
C SER D 25 -3.89 3.17 -45.29
N GLY D 26 -2.72 3.59 -44.82
CA GLY D 26 -2.52 4.90 -44.17
C GLY D 26 -2.64 4.88 -42.66
N GLY D 27 -2.60 3.71 -42.02
CA GLY D 27 -2.75 3.58 -40.56
C GLY D 27 -1.42 3.27 -39.88
N THR D 28 -0.29 3.52 -40.56
CA THR D 28 1.06 3.04 -40.18
C THR D 28 0.89 1.63 -39.60
N PHE D 29 0.49 0.68 -40.46
CA PHE D 29 0.06 -0.69 -40.08
C PHE D 29 1.06 -1.32 -39.10
N SER D 30 2.37 -1.13 -39.36
CA SER D 30 3.49 -1.75 -38.61
C SER D 30 3.39 -1.48 -37.10
N THR D 31 2.88 -0.31 -36.69
CA THR D 31 2.81 0.12 -35.27
C THR D 31 1.35 0.12 -34.79
N ALA D 32 0.45 -0.55 -35.52
CA ALA D 32 -1.00 -0.63 -35.20
C ALA D 32 -1.37 -2.03 -34.72
N ALA D 33 -2.04 -2.14 -33.57
CA ALA D 33 -2.74 -3.36 -33.13
C ALA D 33 -4.01 -3.51 -33.99
N MET D 34 -4.27 -4.71 -34.48
CA MET D 34 -5.38 -5.01 -35.42
C MET D 34 -6.36 -6.00 -34.77
N GLY D 35 -7.64 -5.82 -35.05
CA GLY D 35 -8.73 -6.60 -34.42
C GLY D 35 -9.79 -7.00 -35.42
N TRP D 36 -10.46 -8.12 -35.16
CA TRP D 36 -11.69 -8.58 -35.87
C TRP D 36 -12.86 -8.52 -34.90
N PHE D 37 -13.86 -7.69 -35.21
CA PHE D 37 -15.16 -7.59 -34.49
C PHE D 37 -16.25 -8.24 -35.35
N ARG D 38 -17.27 -8.80 -34.72
CA ARG D 38 -18.46 -9.36 -35.42
C ARG D 38 -19.73 -8.83 -34.75
N GLN D 39 -20.81 -8.72 -35.52
CA GLN D 39 -22.14 -8.28 -35.05
C GLN D 39 -23.22 -9.14 -35.72
N ALA D 40 -23.79 -10.10 -34.98
CA ALA D 40 -25.00 -10.83 -35.37
C ALA D 40 -26.17 -9.85 -35.43
N PRO D 41 -27.15 -10.06 -36.33
CA PRO D 41 -28.35 -9.21 -36.36
C PRO D 41 -29.25 -9.52 -35.16
N GLY D 42 -29.23 -8.65 -34.14
CA GLY D 42 -29.98 -8.80 -32.88
C GLY D 42 -29.10 -8.65 -31.66
N GLU D 43 -27.77 -8.67 -31.84
CA GLU D 43 -26.75 -8.47 -30.76
C GLU D 43 -25.93 -7.21 -31.07
N GLU D 44 -24.96 -6.89 -30.22
CA GLU D 44 -24.08 -5.69 -30.36
C GLU D 44 -22.65 -6.16 -30.66
N ARG D 45 -21.86 -5.29 -31.28
CA ARG D 45 -20.47 -5.56 -31.75
C ARG D 45 -19.66 -6.17 -30.59
N GLU D 46 -19.05 -7.33 -30.83
CA GLU D 46 -18.09 -7.98 -29.88
C GLU D 46 -16.78 -8.24 -30.62
N CYS D 47 -15.64 -8.04 -29.96
CA CYS D 47 -14.29 -8.41 -30.45
C CYS D 47 -14.16 -9.94 -30.38
N VAL D 48 -13.70 -10.57 -31.46
CA VAL D 48 -13.54 -12.05 -31.55
C VAL D 48 -12.05 -12.43 -31.53
N ALA D 49 -11.17 -11.56 -32.04
CA ALA D 49 -9.71 -11.75 -32.03
C ALA D 49 -8.99 -10.41 -32.21
N SER D 50 -7.81 -10.27 -31.61
CA SER D 50 -6.91 -9.11 -31.77
C SER D 50 -5.45 -9.59 -31.76
N ILE D 51 -4.56 -8.80 -32.34
CA ILE D 51 -3.12 -9.15 -32.53
C ILE D 51 -2.27 -7.88 -32.34
N GLY D 52 -1.14 -8.02 -31.64
CA GLY D 52 -0.17 -6.93 -31.41
C GLY D 52 0.58 -6.58 -32.69
N TRP D 53 1.21 -5.41 -32.71
CA TRP D 53 1.95 -4.83 -33.86
C TRP D 53 2.97 -5.83 -34.43
N ARG D 54 3.67 -6.58 -33.58
CA ARG D 54 4.72 -7.57 -33.96
C ARG D 54 4.10 -8.91 -34.37
N GLY D 55 2.82 -9.12 -34.08
CA GLY D 55 2.11 -10.39 -34.34
C GLY D 55 2.51 -11.48 -33.36
N VAL D 56 3.06 -11.11 -32.19
CA VAL D 56 3.56 -12.04 -31.14
C VAL D 56 2.41 -12.37 -30.19
N ARG D 57 1.73 -11.34 -29.67
CA ARG D 57 0.58 -11.49 -28.73
C ARG D 57 -0.71 -11.56 -29.54
N THR D 58 -1.59 -12.51 -29.20
CA THR D 58 -2.95 -12.64 -29.76
C THR D 58 -3.94 -12.76 -28.61
N TRP D 59 -5.18 -12.32 -28.85
CA TRP D 59 -6.34 -12.49 -27.94
C TRP D 59 -7.51 -13.03 -28.77
N TYR D 60 -8.25 -14.00 -28.22
CA TYR D 60 -9.45 -14.61 -28.85
C TYR D 60 -10.59 -14.59 -27.84
N ALA D 61 -11.81 -14.28 -28.29
CA ALA D 61 -13.06 -14.49 -27.53
C ALA D 61 -13.24 -16.00 -27.30
N ASP D 62 -13.78 -16.39 -26.14
CA ASP D 62 -13.99 -17.81 -25.75
C ASP D 62 -14.81 -18.54 -26.83
N SER D 63 -15.80 -17.86 -27.42
CA SER D 63 -16.78 -18.43 -28.39
C SER D 63 -16.09 -18.89 -29.68
N VAL D 64 -14.87 -18.41 -29.99
CA VAL D 64 -14.16 -18.73 -31.26
C VAL D 64 -12.77 -19.33 -30.99
N LYS D 65 -12.36 -19.47 -29.72
CA LYS D 65 -10.99 -19.88 -29.33
C LYS D 65 -10.76 -21.33 -29.77
N GLY D 66 -9.60 -21.63 -30.36
CA GLY D 66 -9.22 -22.96 -30.87
C GLY D 66 -9.68 -23.17 -32.31
N ARG D 67 -10.63 -22.37 -32.80
CA ARG D 67 -11.30 -22.51 -34.12
C ARG D 67 -10.84 -21.40 -35.08
N PHE D 68 -10.60 -20.18 -34.56
CA PHE D 68 -10.17 -19.00 -35.35
C PHE D 68 -8.68 -18.71 -35.04
N THR D 69 -7.92 -18.34 -36.07
CA THR D 69 -6.53 -17.84 -35.96
C THR D 69 -6.44 -16.45 -36.61
N ILE D 70 -5.98 -15.47 -35.84
CA ILE D 70 -5.61 -14.11 -36.35
C ILE D 70 -4.10 -14.12 -36.61
N SER D 71 -3.68 -13.57 -37.74
CA SER D 71 -2.26 -13.39 -38.14
C SER D 71 -2.13 -12.11 -38.96
N ARG D 72 -0.90 -11.63 -39.19
CA ARG D 72 -0.66 -10.37 -39.94
C ARG D 72 0.61 -10.49 -40.79
N ASP D 73 0.61 -9.79 -41.93
CA ASP D 73 1.73 -9.66 -42.89
C ASP D 73 2.09 -8.17 -42.96
N ASN D 74 3.00 -7.72 -42.09
CA ASN D 74 3.30 -6.28 -41.87
C ASN D 74 3.82 -5.64 -43.15
N PRO D 75 4.74 -6.28 -43.92
CA PRO D 75 5.17 -5.73 -45.20
C PRO D 75 4.03 -5.49 -46.20
N GLN D 76 2.92 -6.22 -46.08
CA GLN D 76 1.74 -6.17 -47.00
C GLN D 76 0.57 -5.42 -46.37
N ASN D 77 0.73 -4.88 -45.15
CA ASN D 77 -0.31 -4.12 -44.43
C ASN D 77 -1.64 -4.89 -44.48
N THR D 78 -1.62 -6.17 -44.12
CA THR D 78 -2.80 -7.08 -44.16
C THR D 78 -2.86 -7.90 -42.87
N VAL D 79 -4.07 -8.02 -42.30
CA VAL D 79 -4.40 -8.89 -41.14
C VAL D 79 -5.41 -9.94 -41.62
N TYR D 80 -5.25 -11.19 -41.20
CA TYR D 80 -6.06 -12.35 -41.63
C TYR D 80 -6.82 -12.93 -40.43
N LEU D 81 -8.02 -13.46 -40.67
CA LEU D 81 -8.78 -14.28 -39.70
C LEU D 81 -9.13 -15.62 -40.36
N GLN D 82 -8.26 -16.61 -40.20
CA GLN D 82 -8.53 -18.03 -40.57
C GLN D 82 -9.62 -18.55 -39.62
N MET D 83 -10.79 -18.87 -40.16
CA MET D 83 -11.96 -19.39 -39.39
C MET D 83 -12.23 -20.84 -39.81
N ASN D 84 -11.97 -21.78 -38.92
CA ASN D 84 -12.15 -23.25 -39.14
C ASN D 84 -13.27 -23.75 -38.21
N ASN D 85 -13.97 -24.82 -38.62
CA ASN D 85 -15.03 -25.48 -37.81
C ASN D 85 -16.18 -24.50 -37.56
N LEU D 86 -16.56 -23.73 -38.58
CA LEU D 86 -17.65 -22.71 -38.49
C LEU D 86 -18.96 -23.39 -38.07
N LYS D 87 -19.62 -22.86 -37.03
CA LYS D 87 -20.97 -23.26 -36.60
C LYS D 87 -21.96 -22.14 -36.97
N SER D 88 -23.25 -22.46 -37.02
CA SER D 88 -24.36 -21.56 -37.44
C SER D 88 -24.34 -20.24 -36.64
N GLY D 89 -23.83 -20.25 -35.41
CA GLY D 89 -23.81 -19.11 -34.49
C GLY D 89 -22.68 -18.12 -34.77
N ASP D 90 -21.84 -18.39 -35.78
CA ASP D 90 -20.74 -17.48 -36.23
C ASP D 90 -21.30 -16.47 -37.25
N THR D 91 -22.46 -16.75 -37.84
CA THR D 91 -23.13 -15.89 -38.86
C THR D 91 -23.28 -14.46 -38.30
N ALA D 92 -22.68 -13.48 -38.98
CA ALA D 92 -22.60 -12.07 -38.54
C ALA D 92 -21.85 -11.25 -39.58
N VAL D 93 -21.93 -9.92 -39.46
CA VAL D 93 -21.09 -8.95 -40.22
C VAL D 93 -19.75 -8.82 -39.46
N TYR D 94 -18.65 -9.22 -40.10
CA TYR D 94 -17.28 -9.18 -39.51
C TYR D 94 -16.58 -7.88 -39.93
N TYR D 95 -16.20 -7.05 -38.95
CA TYR D 95 -15.44 -5.79 -39.14
C TYR D 95 -13.98 -6.00 -38.70
N CYS D 96 -13.03 -5.61 -39.55
CA CYS D 96 -11.61 -5.45 -39.15
C CYS D 96 -11.46 -4.04 -38.58
N ALA D 97 -10.60 -3.86 -37.57
CA ALA D 97 -10.41 -2.57 -36.86
C ALA D 97 -8.93 -2.34 -36.59
N ALA D 98 -8.50 -1.07 -36.63
CA ALA D 98 -7.11 -0.63 -36.42
C ALA D 98 -7.05 0.26 -35.18
N SER D 99 -6.19 -0.10 -34.22
CA SER D 99 -5.74 0.74 -33.08
C SER D 99 -4.34 1.25 -33.40
N VAL D 100 -4.24 2.50 -33.87
CA VAL D 100 -3.00 3.08 -34.48
C VAL D 100 -2.03 3.48 -33.37
N GLY D 101 -0.73 3.33 -33.64
CA GLY D 101 0.37 3.60 -32.69
C GLY D 101 0.14 2.95 -31.35
N ASN D 102 -0.46 1.76 -31.32
CA ASN D 102 -0.84 1.02 -30.09
C ASN D 102 0.02 -0.25 -29.99
N TYR D 103 0.87 -0.32 -28.97
CA TYR D 103 1.87 -1.41 -28.76
C TYR D 103 1.32 -2.41 -27.73
N GLY D 104 0.00 -2.37 -27.48
CA GLY D 104 -0.71 -3.24 -26.53
C GLY D 104 -1.55 -4.29 -27.24
N LEU D 105 -2.54 -4.85 -26.55
CA LEU D 105 -3.45 -5.91 -27.07
C LEU D 105 -4.90 -5.50 -26.80
N PRO D 106 -5.45 -4.56 -27.60
CA PRO D 106 -6.81 -4.05 -27.36
C PRO D 106 -7.89 -5.07 -27.72
N TRP D 107 -9.00 -5.07 -26.97
CA TRP D 107 -10.18 -5.95 -27.21
C TRP D 107 -11.51 -5.19 -27.01
N ALA D 108 -11.49 -3.95 -26.52
CA ALA D 108 -12.69 -3.10 -26.35
C ALA D 108 -12.84 -2.19 -27.58
N HIS D 109 -14.07 -1.96 -28.04
CA HIS D 109 -14.38 -1.22 -29.29
C HIS D 109 -13.80 0.20 -29.22
N PHE D 110 -13.89 0.87 -28.07
CA PHE D 110 -13.44 2.27 -27.88
C PHE D 110 -11.90 2.38 -27.98
N GLU D 111 -11.17 1.27 -27.88
CA GLU D 111 -9.68 1.25 -27.96
C GLU D 111 -9.22 1.26 -29.43
N TYR D 112 -10.14 1.07 -30.38
CA TYR D 112 -9.86 1.05 -31.84
C TYR D 112 -10.27 2.41 -32.46
N ASP D 113 -9.62 2.79 -33.56
CA ASP D 113 -9.65 4.15 -34.14
C ASP D 113 -10.33 4.14 -35.52
N PHE D 114 -10.06 3.12 -36.35
CA PHE D 114 -10.58 3.03 -37.73
C PHE D 114 -11.22 1.66 -37.95
N TRP D 115 -12.30 1.64 -38.73
CA TRP D 115 -13.18 0.46 -38.97
C TRP D 115 -13.39 0.25 -40.47
N GLY D 116 -13.39 -1.01 -40.91
CA GLY D 116 -13.84 -1.40 -42.25
C GLY D 116 -15.35 -1.30 -42.35
N GLN D 117 -15.89 -1.40 -43.58
CA GLN D 117 -17.34 -1.35 -43.87
C GLN D 117 -18.02 -2.59 -43.26
N GLY D 118 -17.26 -3.70 -43.17
CA GLY D 118 -17.74 -5.00 -42.65
C GLY D 118 -18.23 -5.89 -43.76
N ILE D 119 -17.93 -7.19 -43.67
CA ILE D 119 -18.28 -8.22 -44.70
C ILE D 119 -19.18 -9.28 -44.05
N GLN D 120 -20.22 -9.68 -44.77
CA GLN D 120 -21.23 -10.68 -44.32
C GLN D 120 -20.61 -12.09 -44.42
N VAL D 121 -20.62 -12.83 -43.31
CA VAL D 121 -20.33 -14.29 -43.27
C VAL D 121 -21.63 -14.98 -42.81
N THR D 122 -22.23 -15.79 -43.68
CA THR D 122 -23.46 -16.59 -43.40
C THR D 122 -23.13 -18.06 -43.59
N VAL D 123 -23.33 -18.87 -42.53
CA VAL D 123 -22.96 -20.31 -42.46
C VAL D 123 -24.20 -21.17 -42.76
N ASN E 5 18.45 -0.02 -7.87
CA ASN E 5 18.95 0.67 -9.09
C ASN E 5 17.86 0.70 -10.17
N LEU E 6 16.95 -0.28 -10.16
CA LEU E 6 15.81 -0.40 -11.09
C LEU E 6 14.77 0.69 -10.81
N CYS E 7 14.24 1.35 -11.85
CA CYS E 7 13.18 2.40 -11.73
C CYS E 7 11.93 1.79 -11.10
N PRO E 8 11.30 2.47 -10.12
CA PRO E 8 10.15 1.90 -9.40
C PRO E 8 8.79 2.04 -10.11
N PHE E 9 8.68 1.49 -11.32
CA PHE E 9 7.43 1.43 -12.13
C PHE E 9 6.40 0.58 -11.40
N GLY E 10 6.85 -0.47 -10.70
CA GLY E 10 6.00 -1.36 -9.88
C GLY E 10 5.09 -0.55 -8.96
N GLU E 11 5.65 0.44 -8.26
CA GLU E 11 4.91 1.32 -7.30
C GLU E 11 3.76 2.04 -8.04
N VAL E 12 4.01 2.44 -9.28
CA VAL E 12 3.04 3.22 -10.10
C VAL E 12 1.98 2.26 -10.65
N PHE E 13 2.40 1.23 -11.40
CA PHE E 13 1.52 0.32 -12.17
C PHE E 13 0.73 -0.60 -11.22
N ASN E 14 1.33 -1.00 -10.09
CA ASN E 14 0.77 -2.05 -9.19
C ASN E 14 0.33 -1.44 -7.84
N ALA E 15 0.25 -0.11 -7.74
CA ALA E 15 -0.35 0.59 -6.58
C ALA E 15 -1.72 -0.02 -6.27
N THR E 16 -2.04 -0.22 -4.99
CA THR E 16 -3.27 -0.92 -4.55
C THR E 16 -4.47 -0.02 -4.86
N ARG E 17 -4.33 1.29 -4.66
CA ARG E 17 -5.33 2.32 -5.05
C ARG E 17 -4.69 3.32 -6.02
N PHE E 18 -5.47 3.82 -6.98
CA PHE E 18 -5.07 4.91 -7.92
C PHE E 18 -5.75 6.22 -7.50
N ALA E 19 -5.24 7.34 -8.00
CA ALA E 19 -5.80 8.69 -7.79
C ALA E 19 -7.08 8.84 -8.60
N SER E 20 -8.02 9.64 -8.11
CA SER E 20 -9.11 10.25 -8.92
C SER E 20 -8.48 11.11 -10.02
N VAL E 21 -9.07 11.11 -11.22
CA VAL E 21 -8.50 11.81 -12.41
C VAL E 21 -8.36 13.30 -12.13
N TYR E 22 -9.30 13.94 -11.41
CA TYR E 22 -9.27 15.39 -11.12
C TYR E 22 -8.03 15.72 -10.26
N ALA E 23 -7.69 14.83 -9.33
CA ALA E 23 -6.51 14.95 -8.44
C ALA E 23 -5.43 13.96 -8.90
N TRP E 24 -5.19 13.88 -10.21
CA TRP E 24 -4.25 12.90 -10.84
C TRP E 24 -2.88 12.97 -10.17
N ASN E 25 -2.26 11.80 -10.00
CA ASN E 25 -0.94 11.65 -9.33
C ASN E 25 0.17 11.76 -10.38
N ARG E 26 1.27 12.41 -10.02
CA ARG E 26 2.54 12.48 -10.82
C ARG E 26 3.68 11.98 -9.94
N LYS E 27 4.37 10.93 -10.41
CA LYS E 27 5.66 10.45 -9.83
C LYS E 27 6.77 10.83 -10.80
N ARG E 28 7.71 11.68 -10.38
CA ARG E 28 8.94 11.98 -11.15
C ARG E 28 9.92 10.82 -10.94
N ILE E 29 10.36 10.21 -12.04
CA ILE E 29 11.31 9.07 -12.06
C ILE E 29 12.67 9.61 -12.51
N SER E 30 13.70 9.36 -11.70
CA SER E 30 15.09 9.85 -11.88
C SER E 30 16.09 8.85 -11.30
N ASN E 31 17.33 8.90 -11.77
CA ASN E 31 18.50 8.20 -11.20
C ASN E 31 18.20 6.71 -11.07
N CYS E 32 17.84 6.03 -12.17
CA CYS E 32 17.47 4.59 -12.16
C CYS E 32 17.52 4.01 -13.58
N VAL E 33 17.66 2.68 -13.68
CA VAL E 33 17.64 1.90 -14.95
C VAL E 33 16.19 1.48 -15.21
N ALA E 34 15.61 1.94 -16.32
CA ALA E 34 14.21 1.68 -16.72
C ALA E 34 14.18 0.51 -17.70
N ASP E 35 13.60 -0.63 -17.31
CA ASP E 35 13.31 -1.76 -18.24
C ASP E 35 11.90 -1.54 -18.81
N TYR E 36 11.81 -0.97 -20.01
CA TYR E 36 10.52 -0.61 -20.67
C TYR E 36 9.89 -1.84 -21.33
N SER E 37 10.70 -2.83 -21.74
CA SER E 37 10.26 -4.00 -22.55
C SER E 37 9.26 -4.85 -21.75
N VAL E 38 9.42 -4.91 -20.43
CA VAL E 38 8.50 -5.67 -19.52
C VAL E 38 7.12 -4.99 -19.51
N LEU E 39 7.02 -3.74 -19.98
CA LEU E 39 5.75 -2.98 -20.10
C LEU E 39 5.14 -3.22 -21.50
N TYR E 40 5.83 -2.85 -22.57
CA TYR E 40 5.25 -2.78 -23.94
C TYR E 40 5.13 -4.19 -24.56
N ASN E 41 5.81 -5.20 -24.02
CA ASN E 41 5.69 -6.61 -24.48
C ASN E 41 4.59 -7.34 -23.70
N SER E 42 4.01 -6.71 -22.68
CA SER E 42 2.90 -7.28 -21.86
C SER E 42 1.62 -7.34 -22.70
N ALA E 43 0.80 -8.38 -22.46
CA ALA E 43 -0.56 -8.55 -23.02
C ALA E 43 -1.60 -8.00 -22.03
N SER E 44 -1.16 -7.53 -20.86
CA SER E 44 -2.01 -7.02 -19.75
C SER E 44 -2.45 -5.57 -20.02
N PHE E 45 -1.74 -4.84 -20.88
CA PHE E 45 -2.07 -3.45 -21.28
C PHE E 45 -2.78 -3.50 -22.63
N SER E 46 -4.07 -3.15 -22.63
CA SER E 46 -4.95 -3.12 -23.83
C SER E 46 -4.67 -1.84 -24.64
N THR E 47 -4.39 -0.72 -23.96
CA THR E 47 -3.91 0.54 -24.58
C THR E 47 -2.44 0.78 -24.18
N PHE E 48 -1.57 0.92 -25.18
CA PHE E 48 -0.15 1.34 -25.02
C PHE E 48 0.21 2.19 -26.24
N LYS E 49 -0.40 3.37 -26.33
CA LYS E 49 -0.30 4.29 -27.49
C LYS E 49 0.85 5.27 -27.23
N CYS E 50 1.90 5.23 -28.06
CA CYS E 50 3.06 6.16 -27.99
C CYS E 50 2.95 7.19 -29.11
N TYR E 51 3.51 8.39 -28.88
CA TYR E 51 3.53 9.56 -29.78
C TYR E 51 4.92 10.21 -29.75
N GLY E 52 5.61 10.22 -30.88
CA GLY E 52 6.93 10.89 -31.05
C GLY E 52 8.09 10.00 -30.58
N VAL E 53 7.79 8.96 -29.82
CA VAL E 53 8.78 8.03 -29.21
C VAL E 53 8.40 6.61 -29.64
N SER E 54 9.35 5.80 -30.11
CA SER E 54 9.17 4.35 -30.37
C SER E 54 9.60 3.57 -29.13
N PRO E 55 8.70 2.75 -28.54
CA PRO E 55 9.01 2.02 -27.32
C PRO E 55 10.31 1.20 -27.39
N THR E 56 10.62 0.61 -28.55
CA THR E 56 11.74 -0.35 -28.74
C THR E 56 13.09 0.37 -28.59
N LYS E 57 13.16 1.69 -28.85
CA LYS E 57 14.41 2.48 -28.76
C LYS E 57 14.66 2.94 -27.32
N LEU E 58 13.62 2.97 -26.47
CA LEU E 58 13.68 3.49 -25.07
C LEU E 58 14.74 2.73 -24.25
N ASN E 59 14.91 1.43 -24.50
CA ASN E 59 15.84 0.55 -23.77
C ASN E 59 17.30 0.91 -24.08
N ASP E 60 17.54 1.74 -25.10
CA ASP E 60 18.90 2.20 -25.50
C ASP E 60 19.00 3.72 -25.37
N LEU E 61 18.03 4.37 -24.72
CA LEU E 61 17.93 5.85 -24.63
C LEU E 61 18.00 6.30 -23.17
N CYS E 62 18.47 7.54 -22.96
CA CYS E 62 18.66 8.19 -21.64
C CYS E 62 17.89 9.50 -21.60
N PHE E 63 17.23 9.79 -20.47
CA PHE E 63 16.45 11.03 -20.24
C PHE E 63 16.86 11.67 -18.91
N THR E 64 16.74 12.99 -18.83
CA THR E 64 16.97 13.78 -17.61
C THR E 64 15.93 13.35 -16.56
N ASN E 65 14.67 13.26 -16.97
CA ASN E 65 13.53 12.82 -16.12
C ASN E 65 12.50 12.08 -16.96
N VAL E 66 11.88 11.05 -16.37
CA VAL E 66 10.63 10.41 -16.86
C VAL E 66 9.54 10.71 -15.83
N TYR E 67 8.34 11.07 -16.29
CA TYR E 67 7.16 11.37 -15.46
C TYR E 67 6.08 10.33 -15.71
N ALA E 68 5.59 9.70 -14.64
CA ALA E 68 4.46 8.76 -14.64
C ALA E 68 3.26 9.44 -13.97
N ASP E 69 2.26 9.84 -14.77
CA ASP E 69 0.95 10.34 -14.31
C ASP E 69 -0.01 9.14 -14.26
N SER E 70 -0.69 8.95 -13.13
CA SER E 70 -1.60 7.80 -12.89
C SER E 70 -2.95 8.32 -12.38
N PHE E 71 -4.04 7.65 -12.78
CA PHE E 71 -5.44 7.97 -12.40
C PHE E 71 -6.39 6.91 -12.96
N VAL E 72 -7.64 6.95 -12.53
CA VAL E 72 -8.74 6.05 -13.00
C VAL E 72 -9.79 6.89 -13.74
N ILE E 73 -10.21 6.42 -14.91
CA ILE E 73 -11.37 6.94 -15.69
C ILE E 73 -12.20 5.74 -16.14
N ARG E 74 -13.36 5.95 -16.78
CA ARG E 74 -14.16 4.84 -17.35
C ARG E 74 -13.69 4.59 -18.79
N GLY E 75 -13.94 3.38 -19.31
CA GLY E 75 -13.44 2.87 -20.60
C GLY E 75 -13.66 3.85 -21.76
N ASP E 76 -14.88 4.40 -21.87
CA ASP E 76 -15.30 5.29 -22.99
C ASP E 76 -14.42 6.55 -23.05
N GLU E 77 -13.74 6.90 -21.96
CA GLU E 77 -12.98 8.17 -21.83
C GLU E 77 -11.49 7.96 -22.11
N VAL E 78 -11.02 6.71 -22.28
CA VAL E 78 -9.58 6.41 -22.52
C VAL E 78 -9.12 7.08 -23.82
N ARG E 79 -10.00 7.26 -24.80
CA ARG E 79 -9.67 7.91 -26.10
C ARG E 79 -9.42 9.41 -25.88
N GLN E 80 -9.91 10.00 -24.78
CA GLN E 80 -9.72 11.44 -24.44
C GLN E 80 -8.30 11.69 -23.94
N ILE E 81 -7.60 10.66 -23.45
CA ILE E 81 -6.19 10.76 -22.97
C ILE E 81 -5.27 10.61 -24.19
N ALA E 82 -5.29 11.61 -25.07
CA ALA E 82 -4.54 11.67 -26.34
C ALA E 82 -4.47 13.12 -26.79
N PRO E 83 -3.48 13.50 -27.64
CA PRO E 83 -3.36 14.87 -28.11
C PRO E 83 -4.60 15.31 -28.91
N GLY E 84 -5.04 16.56 -28.70
CA GLY E 84 -6.08 17.24 -29.51
C GLY E 84 -7.47 16.68 -29.28
N GLN E 85 -7.72 16.05 -28.13
CA GLN E 85 -9.05 15.50 -27.75
C GLN E 85 -9.79 16.54 -26.90
N THR E 86 -11.11 16.44 -26.89
CA THR E 86 -12.03 17.25 -26.05
C THR E 86 -13.00 16.28 -25.34
N GLY E 87 -13.77 16.81 -24.39
CA GLY E 87 -14.64 16.04 -23.47
C GLY E 87 -14.34 16.40 -22.03
N LYS E 88 -15.15 15.90 -21.08
CA LYS E 88 -15.07 16.28 -19.64
C LYS E 88 -13.65 16.02 -19.12
N ILE E 89 -12.99 14.94 -19.55
CA ILE E 89 -11.68 14.50 -19.00
C ILE E 89 -10.58 15.40 -19.57
N ALA E 90 -10.45 15.46 -20.89
CA ALA E 90 -9.46 16.28 -21.62
C ALA E 90 -9.59 17.76 -21.21
N ASP E 91 -10.83 18.24 -21.08
CA ASP E 91 -11.14 19.67 -20.82
C ASP E 91 -10.87 20.03 -19.37
N TYR E 92 -11.34 19.22 -18.41
CA TYR E 92 -11.51 19.63 -16.99
C TYR E 92 -10.66 18.78 -16.01
N ASN E 93 -10.04 17.67 -16.45
CA ASN E 93 -9.42 16.70 -15.50
C ASN E 93 -7.93 16.50 -15.82
N TYR E 94 -7.63 15.99 -17.02
CA TYR E 94 -6.25 15.68 -17.46
C TYR E 94 -6.14 15.96 -18.97
N LYS E 95 -5.26 16.90 -19.33
CA LYS E 95 -5.07 17.42 -20.70
C LYS E 95 -3.65 17.14 -21.18
N LEU E 96 -3.49 16.28 -22.18
CA LEU E 96 -2.21 16.11 -22.92
C LEU E 96 -2.04 17.29 -23.87
N PRO E 97 -0.80 17.77 -24.11
CA PRO E 97 -0.57 18.82 -25.10
C PRO E 97 -0.71 18.28 -26.53
N ASP E 98 -1.06 19.16 -27.46
CA ASP E 98 -1.18 18.83 -28.91
C ASP E 98 0.11 18.13 -29.37
N ASP E 99 1.26 18.54 -28.84
CA ASP E 99 2.61 18.05 -29.26
C ASP E 99 3.14 17.04 -28.23
N PHE E 100 2.26 16.31 -27.55
CA PHE E 100 2.63 15.30 -26.52
C PHE E 100 3.67 14.33 -27.08
N THR E 101 4.76 14.15 -26.33
CA THR E 101 5.81 13.13 -26.53
C THR E 101 5.76 12.15 -25.36
N GLY E 102 5.41 10.89 -25.63
CA GLY E 102 5.40 9.83 -24.62
C GLY E 102 4.42 8.72 -24.96
N CYS E 103 4.03 7.96 -23.94
CA CYS E 103 3.14 6.78 -24.08
C CYS E 103 1.96 6.91 -23.11
N VAL E 104 0.77 6.56 -23.57
CA VAL E 104 -0.46 6.46 -22.74
C VAL E 104 -0.75 4.97 -22.58
N ILE E 105 -0.72 4.48 -21.34
CA ILE E 105 -0.89 3.04 -21.00
C ILE E 105 -2.17 2.92 -20.15
N ALA E 106 -3.10 2.07 -20.57
CA ALA E 106 -4.41 1.86 -19.89
C ALA E 106 -4.77 0.37 -19.93
N TRP E 107 -5.42 -0.10 -18.87
CA TRP E 107 -5.96 -1.48 -18.75
C TRP E 107 -7.23 -1.45 -17.91
N ASN E 108 -8.15 -2.37 -18.19
CA ASN E 108 -9.43 -2.57 -17.45
C ASN E 108 -9.08 -2.99 -16.02
N SER E 109 -9.61 -2.27 -15.02
CA SER E 109 -9.33 -2.49 -13.57
C SER E 109 -10.62 -2.86 -12.83
N ASN E 110 -11.60 -3.44 -13.55
CA ASN E 110 -12.93 -3.82 -13.02
C ASN E 110 -12.76 -4.72 -11.79
N ASN E 111 -11.79 -5.64 -11.83
CA ASN E 111 -11.54 -6.64 -10.76
C ASN E 111 -10.99 -5.94 -9.50
N LEU E 112 -10.36 -4.77 -9.64
CA LEU E 112 -9.71 -4.03 -8.53
C LEU E 112 -10.61 -2.89 -8.04
N ASP E 113 -11.24 -2.15 -8.95
CA ASP E 113 -11.79 -0.78 -8.68
C ASP E 113 -13.32 -0.77 -8.67
N SER E 114 -13.97 -1.90 -8.98
CA SER E 114 -15.44 -2.06 -8.86
C SER E 114 -15.76 -2.89 -7.60
N LYS E 115 -16.93 -2.66 -7.00
CA LYS E 115 -17.43 -3.38 -5.80
C LYS E 115 -18.94 -3.59 -5.96
N VAL E 116 -19.45 -4.75 -5.50
CA VAL E 116 -20.92 -5.01 -5.35
C VAL E 116 -21.51 -3.88 -4.51
N GLY E 117 -22.60 -3.26 -5.00
CA GLY E 117 -23.19 -2.03 -4.42
C GLY E 117 -22.63 -0.78 -5.10
N GLY E 118 -21.45 -0.89 -5.71
CA GLY E 118 -20.78 0.18 -6.46
C GLY E 118 -19.70 0.85 -5.64
N ASN E 119 -18.53 1.10 -6.25
CA ASN E 119 -17.45 1.95 -5.71
C ASN E 119 -17.61 3.35 -6.30
N TYR E 120 -17.76 4.37 -5.46
CA TYR E 120 -18.03 5.78 -5.84
C TYR E 120 -16.87 6.69 -5.41
N ASN E 121 -15.73 6.12 -4.99
CA ASN E 121 -14.59 6.87 -4.40
C ASN E 121 -13.79 7.56 -5.51
N TYR E 122 -13.86 7.08 -6.75
CA TYR E 122 -13.21 7.73 -7.91
C TYR E 122 -14.11 8.86 -8.41
N LEU E 123 -13.56 10.08 -8.46
CA LEU E 123 -14.28 11.33 -8.83
C LEU E 123 -13.69 11.91 -10.12
N TYR E 124 -14.47 12.76 -10.80
CA TYR E 124 -14.02 13.63 -11.92
C TYR E 124 -14.68 15.01 -11.76
N ARG E 125 -14.02 16.04 -12.29
CA ARG E 125 -14.56 17.41 -12.39
C ARG E 125 -15.54 17.45 -13.58
N LEU E 126 -16.79 17.81 -13.31
CA LEU E 126 -17.91 17.90 -14.29
C LEU E 126 -17.99 19.33 -14.86
N PHE E 127 -17.63 20.33 -14.06
CA PHE E 127 -17.76 21.78 -14.37
C PHE E 127 -16.42 22.52 -14.19
N ARG E 128 -16.12 23.47 -15.07
CA ARG E 128 -14.96 24.40 -14.94
C ARG E 128 -15.14 25.59 -15.89
N LYS E 129 -14.66 26.78 -15.48
CA LYS E 129 -14.88 28.09 -16.17
C LYS E 129 -14.03 28.19 -17.43
N SER E 130 -13.02 27.34 -17.58
CA SER E 130 -12.18 27.22 -18.81
C SER E 130 -11.50 25.85 -18.82
N ASN E 131 -10.97 25.45 -19.97
CA ASN E 131 -10.29 24.16 -20.17
C ASN E 131 -8.92 24.21 -19.49
N LEU E 132 -8.47 23.09 -18.93
CA LEU E 132 -7.09 22.94 -18.38
C LEU E 132 -6.09 23.20 -19.52
N LYS E 133 -4.99 23.88 -19.19
CA LYS E 133 -3.77 23.90 -20.03
C LYS E 133 -3.12 22.52 -19.94
N PRO E 134 -2.30 22.11 -20.93
CA PRO E 134 -1.63 20.81 -20.86
C PRO E 134 -0.94 20.59 -19.50
N PHE E 135 -1.19 19.42 -18.89
CA PHE E 135 -0.56 18.92 -17.65
C PHE E 135 -0.95 19.81 -16.44
N GLU E 136 -2.00 20.63 -16.56
CA GLU E 136 -2.55 21.43 -15.44
C GLU E 136 -3.38 20.50 -14.54
N ARG E 137 -3.40 20.78 -13.25
CA ARG E 137 -4.13 20.00 -12.20
C ARG E 137 -4.98 20.97 -11.37
N ASP E 138 -6.28 20.70 -11.25
CA ASP E 138 -7.23 21.53 -10.48
C ASP E 138 -7.92 20.63 -9.44
N ILE E 139 -7.60 20.82 -8.15
CA ILE E 139 -8.17 20.02 -7.02
C ILE E 139 -9.09 20.91 -6.19
N SER E 140 -9.40 22.12 -6.67
CA SER E 140 -10.30 23.08 -5.97
C SER E 140 -11.69 22.46 -5.87
N THR E 141 -12.43 22.77 -4.80
CA THR E 141 -13.74 22.19 -4.44
C THR E 141 -14.75 23.29 -4.14
N GLU E 142 -14.53 24.49 -4.70
CA GLU E 142 -15.45 25.65 -4.61
C GLU E 142 -16.69 25.35 -5.46
N ILE E 143 -17.87 25.81 -5.02
CA ILE E 143 -19.12 25.71 -5.83
C ILE E 143 -18.84 26.37 -7.18
N TYR E 144 -19.15 25.67 -8.26
CA TYR E 144 -19.10 26.20 -9.65
C TYR E 144 -20.26 27.17 -9.83
N GLN E 145 -19.94 28.45 -10.06
CA GLN E 145 -20.90 29.52 -10.43
C GLN E 145 -21.09 29.50 -11.95
N ALA E 146 -22.19 28.90 -12.42
CA ALA E 146 -22.48 28.68 -13.86
C ALA E 146 -23.14 29.93 -14.46
N GLY E 147 -23.71 30.80 -13.61
CA GLY E 147 -24.39 32.04 -14.01
C GLY E 147 -23.64 33.28 -13.55
N SER E 148 -24.30 34.44 -13.60
CA SER E 148 -23.75 35.77 -13.23
C SER E 148 -23.96 36.03 -11.72
N THR E 149 -24.94 35.37 -11.11
CA THR E 149 -25.30 35.48 -9.67
C THR E 149 -24.28 34.69 -8.84
N PRO E 150 -23.64 35.30 -7.82
CA PRO E 150 -22.76 34.56 -6.91
C PRO E 150 -23.55 33.53 -6.07
N CYS E 151 -22.89 32.44 -5.68
CA CYS E 151 -23.49 31.28 -4.97
C CYS E 151 -23.42 31.48 -3.45
N ASN E 152 -22.38 32.16 -2.94
CA ASN E 152 -22.17 32.46 -1.50
C ASN E 152 -22.30 31.17 -0.67
N GLY E 153 -21.66 30.09 -1.12
CA GLY E 153 -21.56 28.81 -0.40
C GLY E 153 -22.86 28.02 -0.39
N VAL E 154 -23.84 28.38 -1.24
CA VAL E 154 -25.13 27.65 -1.32
C VAL E 154 -25.32 27.12 -2.75
N GLU E 155 -25.58 25.83 -2.88
CA GLU E 155 -25.88 25.17 -4.19
C GLU E 155 -27.35 25.47 -4.53
N GLY E 156 -27.66 25.52 -5.83
CA GLY E 156 -28.98 25.81 -6.39
C GLY E 156 -28.88 26.06 -7.88
N PHE E 157 -29.82 26.80 -8.47
CA PHE E 157 -29.78 27.19 -9.90
C PHE E 157 -28.39 27.79 -10.20
N ASN E 158 -27.73 27.26 -11.23
CA ASN E 158 -26.42 27.74 -11.74
C ASN E 158 -25.36 27.76 -10.63
N CYS E 159 -25.52 26.93 -9.60
CA CYS E 159 -24.61 26.81 -8.43
C CYS E 159 -24.47 25.34 -8.05
N TYR E 160 -23.46 24.68 -8.63
CA TYR E 160 -23.32 23.20 -8.62
C TYR E 160 -21.98 22.84 -7.98
N PHE E 161 -21.94 21.71 -7.26
CA PHE E 161 -20.67 21.09 -6.80
C PHE E 161 -19.91 20.64 -8.04
N PRO E 162 -18.60 20.99 -8.16
CA PRO E 162 -17.87 20.74 -9.41
C PRO E 162 -17.46 19.28 -9.62
N LEU E 163 -17.53 18.44 -8.58
CA LEU E 163 -17.05 17.03 -8.64
C LEU E 163 -18.25 16.07 -8.66
N GLN E 164 -18.01 14.87 -9.20
CA GLN E 164 -19.03 13.80 -9.40
C GLN E 164 -18.34 12.45 -9.30
N SER E 165 -18.94 11.49 -8.60
CA SER E 165 -18.50 10.07 -8.52
C SER E 165 -18.75 9.37 -9.86
N TYR E 166 -17.80 8.56 -10.33
CA TYR E 166 -18.08 7.39 -11.19
C TYR E 166 -18.86 6.37 -10.35
N GLY E 167 -19.75 5.61 -10.98
CA GLY E 167 -20.47 4.48 -10.34
C GLY E 167 -19.95 3.15 -10.84
N PHE E 168 -18.79 2.72 -10.35
CA PHE E 168 -18.12 1.46 -10.80
C PHE E 168 -18.77 0.27 -10.09
N GLN E 169 -19.59 -0.48 -10.82
CA GLN E 169 -20.19 -1.78 -10.42
C GLN E 169 -19.65 -2.87 -11.34
N PRO E 170 -19.48 -4.12 -10.86
CA PRO E 170 -18.94 -5.20 -11.69
C PRO E 170 -19.72 -5.44 -12.99
N THR E 171 -21.05 -5.28 -12.93
CA THR E 171 -22.00 -5.63 -14.02
C THR E 171 -22.16 -4.46 -15.01
N ASN E 172 -21.43 -3.36 -14.83
CA ASN E 172 -21.34 -2.24 -15.81
C ASN E 172 -20.92 -2.78 -17.18
N GLY E 173 -21.39 -2.14 -18.26
CA GLY E 173 -20.83 -2.27 -19.61
C GLY E 173 -19.38 -1.80 -19.63
N VAL E 174 -18.57 -2.35 -20.55
CA VAL E 174 -17.08 -2.13 -20.60
C VAL E 174 -16.80 -0.62 -20.64
N GLY E 175 -17.60 0.14 -21.38
CA GLY E 175 -17.46 1.61 -21.50
C GLY E 175 -17.53 2.31 -20.16
N TYR E 176 -18.30 1.75 -19.21
CA TYR E 176 -18.56 2.32 -17.87
C TYR E 176 -17.77 1.56 -16.79
N GLN E 177 -16.90 0.64 -17.19
CA GLN E 177 -15.99 -0.08 -16.26
C GLN E 177 -14.76 0.79 -16.03
N PRO E 178 -14.11 0.67 -14.85
CA PRO E 178 -12.94 1.50 -14.54
C PRO E 178 -11.72 1.05 -15.35
N TYR E 179 -10.93 2.02 -15.82
CA TYR E 179 -9.64 1.80 -16.51
C TYR E 179 -8.55 2.57 -15.74
N ARG E 180 -7.52 1.85 -15.32
CA ARG E 180 -6.28 2.46 -14.75
C ARG E 180 -5.43 2.96 -15.92
N VAL E 181 -4.87 4.17 -15.76
CA VAL E 181 -4.11 4.90 -16.82
C VAL E 181 -2.77 5.32 -16.23
N VAL E 182 -1.68 5.10 -16.97
CA VAL E 182 -0.33 5.67 -16.69
C VAL E 182 0.14 6.37 -17.96
N VAL E 183 0.35 7.69 -17.86
CA VAL E 183 0.95 8.53 -18.95
C VAL E 183 2.44 8.72 -18.62
N LEU E 184 3.32 8.16 -19.45
CA LEU E 184 4.79 8.38 -19.37
C LEU E 184 5.15 9.57 -20.25
N SER E 185 5.68 10.65 -19.65
CA SER E 185 6.32 11.80 -20.34
C SER E 185 7.83 11.66 -20.23
N PHE E 186 8.56 11.97 -21.30
CA PHE E 186 10.04 11.85 -21.37
C PHE E 186 10.63 13.26 -21.53
N GLU E 187 11.42 13.69 -20.54
CA GLU E 187 12.03 15.04 -20.47
C GLU E 187 13.52 14.96 -20.83
N LEU E 188 13.98 15.80 -21.74
CA LEU E 188 15.40 15.97 -22.14
C LEU E 188 15.77 17.44 -22.02
N LEU E 189 16.60 17.79 -21.04
CA LEU E 189 17.08 19.18 -20.77
C LEU E 189 18.61 19.23 -20.96
N HIS E 190 19.17 20.44 -21.00
CA HIS E 190 20.64 20.69 -20.91
C HIS E 190 21.09 20.35 -19.48
N ALA E 191 21.15 19.06 -19.15
CA ALA E 191 21.44 18.54 -17.79
C ALA E 191 21.85 17.07 -17.90
N PRO E 192 22.51 16.49 -16.87
CA PRO E 192 22.85 15.07 -16.89
C PRO E 192 21.60 14.19 -16.97
N ALA E 193 21.62 13.18 -17.84
CA ALA E 193 20.59 12.13 -17.97
C ALA E 193 20.72 11.17 -16.77
N THR E 194 19.61 10.86 -16.12
CA THR E 194 19.58 10.01 -14.88
C THR E 194 18.71 8.77 -15.09
N VAL E 195 17.89 8.73 -16.15
CA VAL E 195 16.97 7.59 -16.45
C VAL E 195 17.38 6.99 -17.79
N CYS E 196 18.08 5.85 -17.75
CA CYS E 196 18.61 5.14 -18.94
C CYS E 196 17.99 3.73 -19.01
N GLY E 197 17.87 3.20 -20.23
CA GLY E 197 17.47 1.81 -20.48
C GLY E 197 18.61 0.86 -20.13
N PRO E 198 18.36 -0.46 -20.01
CA PRO E 198 19.38 -1.41 -19.57
C PRO E 198 20.59 -1.49 -20.52
N LYS E 199 20.42 -1.10 -21.79
CA LYS E 199 21.47 -1.13 -22.85
C LYS E 199 22.28 0.18 -22.85
N LYS E 200 21.94 1.14 -21.97
CA LYS E 200 22.60 2.46 -21.84
C LYS E 200 22.50 3.21 -23.18
N GLN F 3 -18.25 1.29 10.06
CA GLN F 3 -19.27 1.12 11.14
C GLN F 3 -19.24 2.32 12.09
N VAL F 4 -18.94 3.52 11.56
CA VAL F 4 -18.85 4.78 12.36
C VAL F 4 -20.27 5.18 12.79
N GLN F 5 -20.41 5.60 14.04
CA GLN F 5 -21.70 6.05 14.64
C GLN F 5 -21.82 7.57 14.49
N LEU F 6 -22.93 8.03 13.94
CA LEU F 6 -23.33 9.47 13.98
C LEU F 6 -24.23 9.66 15.21
N VAL F 7 -23.83 10.55 16.13
CA VAL F 7 -24.59 10.86 17.37
C VAL F 7 -25.32 12.18 17.13
N GLU F 8 -26.63 12.16 17.36
CA GLU F 8 -27.59 13.24 17.03
C GLU F 8 -28.26 13.73 18.32
N SER F 9 -28.47 15.04 18.45
CA SER F 9 -29.20 15.66 19.59
C SER F 9 -29.86 16.97 19.14
N GLY F 10 -30.63 17.61 20.04
CA GLY F 10 -31.48 18.77 19.76
C GLY F 10 -32.93 18.33 19.62
N GLY F 11 -33.75 19.12 18.93
CA GLY F 11 -35.18 18.81 18.70
C GLY F 11 -36.04 19.46 19.78
N GLY F 12 -37.08 18.75 20.24
CA GLY F 12 -38.03 19.22 21.25
C GLY F 12 -39.22 19.93 20.62
N LEU F 13 -40.08 20.53 21.45
CA LEU F 13 -41.31 21.26 21.02
C LEU F 13 -40.99 22.75 20.91
N VAL F 14 -41.57 23.44 19.90
CA VAL F 14 -41.49 24.92 19.74
C VAL F 14 -42.78 25.43 19.06
N LYS F 15 -43.12 26.70 19.29
CA LYS F 15 -44.28 27.39 18.66
C LYS F 15 -43.98 27.65 17.17
N THR F 16 -45.02 27.78 16.35
CA THR F 16 -44.92 28.20 14.92
C THR F 16 -44.17 29.53 14.85
N GLY F 17 -43.17 29.63 13.96
CA GLY F 17 -42.30 30.82 13.80
C GLY F 17 -41.06 30.76 14.69
N GLY F 18 -40.98 29.76 15.57
CA GLY F 18 -39.88 29.60 16.55
C GLY F 18 -38.65 28.96 15.91
N SER F 19 -37.61 28.73 16.71
CA SER F 19 -36.27 28.27 16.25
C SER F 19 -35.82 27.04 17.04
N LEU F 20 -35.08 26.14 16.38
CA LEU F 20 -34.42 24.96 16.99
C LEU F 20 -33.06 24.73 16.32
N ARG F 21 -32.20 23.93 16.97
CA ARG F 21 -30.82 23.61 16.52
C ARG F 21 -30.57 22.12 16.78
N LEU F 22 -30.68 21.29 15.75
CA LEU F 22 -30.26 19.86 15.78
C LEU F 22 -28.74 19.82 15.71
N SER F 23 -28.13 18.78 16.30
CA SER F 23 -26.67 18.52 16.29
C SER F 23 -26.41 17.11 15.76
N CYS F 24 -25.35 16.95 14.96
CA CYS F 24 -24.84 15.66 14.44
C CYS F 24 -23.31 15.63 14.59
N ALA F 25 -22.80 14.65 15.32
CA ALA F 25 -21.36 14.50 15.63
C ALA F 25 -20.86 13.16 15.10
N ALA F 26 -19.63 13.16 14.59
CA ALA F 26 -18.91 11.99 14.03
C ALA F 26 -17.41 12.21 14.24
N SER F 27 -16.67 11.17 14.63
CA SER F 27 -15.27 11.29 15.12
C SER F 27 -14.37 11.73 13.97
N GLY F 28 -13.42 12.62 14.27
CA GLY F 28 -12.27 13.00 13.41
C GLY F 28 -12.69 13.48 12.04
N ARG F 29 -12.11 12.87 10.99
CA ARG F 29 -12.08 13.37 9.60
C ARG F 29 -13.35 12.93 8.85
N THR F 30 -14.32 12.28 9.51
CA THR F 30 -15.55 11.74 8.88
C THR F 30 -16.23 12.82 8.04
N PHE F 31 -16.63 13.94 8.64
CA PHE F 31 -17.38 15.03 7.98
C PHE F 31 -16.47 15.76 6.98
N SER F 32 -15.15 15.68 7.16
CA SER F 32 -14.12 16.24 6.25
C SER F 32 -13.91 15.33 5.03
N THR F 33 -14.44 14.09 5.06
CA THR F 33 -14.25 13.05 4.01
C THR F 33 -15.56 12.79 3.26
N TYR F 34 -16.70 12.80 3.96
CA TYR F 34 -18.02 12.41 3.41
C TYR F 34 -19.03 13.53 3.67
N SER F 35 -19.65 14.01 2.58
CA SER F 35 -20.79 14.96 2.65
C SER F 35 -21.88 14.38 3.56
N MET F 36 -22.51 15.24 4.35
CA MET F 36 -23.57 14.83 5.32
C MET F 36 -24.92 15.38 4.84
N GLY F 37 -25.99 14.70 5.24
CA GLY F 37 -27.37 15.08 4.89
C GLY F 37 -28.28 15.02 6.11
N TRP F 38 -29.15 16.02 6.26
CA TRP F 38 -30.30 15.97 7.20
C TRP F 38 -31.53 15.49 6.42
N PHE F 39 -32.21 14.47 6.95
CA PHE F 39 -33.50 13.94 6.45
C PHE F 39 -34.54 14.05 7.56
N ARG F 40 -35.82 13.96 7.18
CA ARG F 40 -36.95 13.96 8.14
C ARG F 40 -38.00 12.95 7.65
N GLN F 41 -38.70 12.33 8.60
CA GLN F 41 -39.78 11.34 8.35
C GLN F 41 -40.97 11.67 9.26
N ALA F 42 -42.08 12.11 8.67
CA ALA F 42 -43.38 12.33 9.35
C ALA F 42 -44.13 10.99 9.39
N PRO F 43 -45.08 10.82 10.34
CA PRO F 43 -45.80 9.55 10.48
C PRO F 43 -46.38 9.06 9.14
N GLY F 44 -45.95 7.87 8.71
CA GLY F 44 -46.44 7.18 7.49
C GLY F 44 -46.07 7.93 6.21
N LYS F 45 -44.78 8.24 6.04
CA LYS F 45 -44.22 8.91 4.84
C LYS F 45 -42.78 8.43 4.61
N GLU F 46 -42.18 8.80 3.47
CA GLU F 46 -40.79 8.46 3.09
C GLU F 46 -39.83 9.44 3.79
N ARG F 47 -38.59 9.01 4.01
CA ARG F 47 -37.47 9.88 4.50
C ARG F 47 -37.12 10.87 3.38
N GLU F 48 -37.60 12.11 3.48
CA GLU F 48 -37.31 13.19 2.49
C GLU F 48 -36.08 13.98 2.93
N PHE F 49 -35.24 14.36 1.97
CA PHE F 49 -34.04 15.20 2.16
C PHE F 49 -34.46 16.59 2.66
N VAL F 50 -33.71 17.16 3.61
CA VAL F 50 -33.97 18.49 4.21
C VAL F 50 -32.85 19.45 3.81
N ALA F 51 -31.63 19.17 4.26
CA ALA F 51 -30.45 20.05 4.10
C ALA F 51 -29.19 19.21 4.28
N GLY F 52 -28.07 19.68 3.72
CA GLY F 52 -26.79 18.96 3.78
C GLY F 52 -25.61 19.91 3.70
N MET F 53 -24.42 19.37 3.90
CA MET F 53 -23.14 20.09 3.76
C MET F 53 -22.12 19.17 3.09
N ARG F 54 -21.40 19.68 2.09
CA ARG F 54 -20.27 18.99 1.43
C ARG F 54 -19.13 18.85 2.45
N TRP F 55 -18.30 17.82 2.28
CA TRP F 55 -17.14 17.53 3.17
C TRP F 55 -16.22 18.76 3.29
N THR F 56 -16.28 19.68 2.32
CA THR F 56 -15.43 20.88 2.21
C THR F 56 -15.73 21.88 3.35
N GLY F 57 -16.97 21.89 3.84
CA GLY F 57 -17.47 22.89 4.81
C GLY F 57 -17.85 24.21 4.15
N SER F 58 -17.58 24.38 2.85
CA SER F 58 -17.71 25.66 2.11
C SER F 58 -18.93 25.63 1.18
N SER F 59 -19.75 24.58 1.27
CA SER F 59 -20.95 24.36 0.44
C SER F 59 -22.03 23.68 1.28
N THR F 60 -23.21 24.30 1.35
CA THR F 60 -24.45 23.73 1.94
C THR F 60 -25.54 23.75 0.86
N PHE F 61 -26.56 22.92 1.01
CA PHE F 61 -27.67 22.75 0.03
C PHE F 61 -28.92 22.34 0.81
N TYR F 62 -30.08 22.75 0.30
CA TYR F 62 -31.38 22.75 1.02
C TYR F 62 -32.48 22.31 0.05
N SER F 63 -33.45 21.52 0.53
CA SER F 63 -34.68 21.14 -0.20
C SER F 63 -35.46 22.42 -0.49
N ASP F 64 -36.29 22.40 -1.55
CA ASP F 64 -37.10 23.56 -1.99
C ASP F 64 -37.91 24.10 -0.81
N SER F 65 -38.31 23.23 0.13
CA SER F 65 -39.29 23.54 1.20
C SER F 65 -38.63 24.15 2.45
N VAL F 66 -37.30 24.21 2.55
CA VAL F 66 -36.60 24.80 3.74
C VAL F 66 -35.56 25.86 3.34
N LYS F 67 -35.12 25.89 2.08
CA LYS F 67 -34.12 26.89 1.62
C LYS F 67 -34.60 28.29 2.01
N GLY F 68 -33.77 29.05 2.73
CA GLY F 68 -34.08 30.43 3.17
C GLY F 68 -34.56 30.47 4.61
N ARG F 69 -34.96 29.32 5.18
CA ARG F 69 -35.47 29.19 6.56
C ARG F 69 -34.45 28.43 7.41
N PHE F 70 -33.89 27.34 6.87
CA PHE F 70 -32.89 26.47 7.55
C PHE F 70 -31.48 26.80 7.02
N THR F 71 -30.47 26.73 7.90
CA THR F 71 -29.03 26.86 7.55
C THR F 71 -28.28 25.71 8.23
N VAL F 72 -27.30 25.13 7.54
CA VAL F 72 -26.36 24.12 8.10
C VAL F 72 -25.02 24.84 8.32
N SER F 73 -24.41 24.62 9.48
CA SER F 73 -23.05 25.10 9.85
C SER F 73 -22.28 23.94 10.47
N ARG F 74 -20.97 24.13 10.65
CA ARG F 74 -20.04 23.12 11.22
C ARG F 74 -19.10 23.84 12.18
N ASN F 75 -18.65 23.15 13.24
CA ASN F 75 -17.72 23.72 14.25
C ASN F 75 -16.30 23.74 13.67
N ASN F 76 -15.38 24.46 14.32
CA ASN F 76 -13.97 24.62 13.90
C ASN F 76 -13.28 23.25 13.85
N ALA F 77 -13.62 22.34 14.77
CA ALA F 77 -13.09 20.96 14.84
C ALA F 77 -13.51 20.17 13.59
N LYS F 78 -14.65 20.51 12.99
CA LYS F 78 -15.23 19.89 11.76
C LYS F 78 -15.78 18.49 12.09
N ASP F 79 -16.10 18.22 13.37
CA ASP F 79 -16.60 16.90 13.83
C ASP F 79 -18.07 17.02 14.25
N THR F 80 -18.61 18.24 14.33
CA THR F 80 -20.02 18.51 14.71
C THR F 80 -20.66 19.44 13.67
N VAL F 81 -21.80 19.01 13.12
CA VAL F 81 -22.62 19.79 12.14
C VAL F 81 -23.94 20.16 12.83
N TYR F 82 -24.40 21.39 12.62
CA TYR F 82 -25.64 21.94 13.22
C TYR F 82 -26.65 22.25 12.12
N LEU F 83 -27.91 21.83 12.31
CA LEU F 83 -29.07 22.29 11.51
C LEU F 83 -29.79 23.37 12.30
N HIS F 84 -29.62 24.64 11.92
CA HIS F 84 -30.33 25.81 12.49
C HIS F 84 -31.70 25.92 11.80
N MET F 85 -32.77 25.59 12.53
CA MET F 85 -34.16 25.56 12.02
C MET F 85 -34.89 26.83 12.51
N ASN F 86 -35.07 27.81 11.62
CA ASN F 86 -35.76 29.10 11.91
C ASN F 86 -37.08 29.16 11.12
N SER F 87 -38.00 30.02 11.54
CA SER F 87 -39.33 30.25 10.90
C SER F 87 -40.04 28.91 10.70
N LEU F 88 -40.15 28.13 11.78
CA LEU F 88 -40.64 26.73 11.73
C LEU F 88 -42.16 26.71 11.53
N LYS F 89 -42.63 25.85 10.61
CA LYS F 89 -44.06 25.61 10.28
C LYS F 89 -44.50 24.31 10.97
N PRO F 90 -45.82 24.05 11.12
CA PRO F 90 -46.29 22.73 11.53
C PRO F 90 -45.90 21.62 10.53
N GLU F 91 -45.81 21.99 9.24
CA GLU F 91 -45.37 21.11 8.11
C GLU F 91 -43.96 20.56 8.37
N ASP F 92 -43.18 21.20 9.25
CA ASP F 92 -41.78 20.81 9.58
C ASP F 92 -41.76 19.69 10.63
N THR F 93 -42.89 19.40 11.28
CA THR F 93 -43.02 18.36 12.34
C THR F 93 -42.65 16.99 11.74
N ALA F 94 -41.63 16.33 12.29
CA ALA F 94 -41.12 15.02 11.84
C ALA F 94 -40.02 14.52 12.78
N VAL F 95 -39.61 13.26 12.61
CA VAL F 95 -38.35 12.72 13.17
C VAL F 95 -37.22 13.07 12.19
N TYR F 96 -36.22 13.82 12.65
CA TYR F 96 -35.07 14.30 11.85
C TYR F 96 -33.88 13.37 12.07
N TYR F 97 -33.23 12.98 10.98
CA TYR F 97 -32.04 12.10 10.95
C TYR F 97 -30.90 12.81 10.21
N CYS F 98 -29.65 12.62 10.66
CA CYS F 98 -28.44 12.97 9.89
C CYS F 98 -27.78 11.68 9.39
N ALA F 99 -26.98 11.80 8.33
CA ALA F 99 -26.29 10.66 7.68
C ALA F 99 -25.17 11.21 6.79
N ILE F 100 -24.30 10.32 6.31
CA ILE F 100 -23.16 10.65 5.40
C ILE F 100 -23.30 9.77 4.15
N THR F 101 -22.70 10.18 3.04
CA THR F 101 -22.69 9.45 1.74
C THR F 101 -21.26 9.39 1.19
N THR F 102 -20.89 8.25 0.61
CA THR F 102 -19.66 8.09 -0.23
C THR F 102 -19.96 8.55 -1.65
N ILE F 103 -21.23 8.68 -2.02
CA ILE F 103 -21.68 9.05 -3.40
C ILE F 103 -21.61 10.58 -3.55
N VAL F 104 -20.70 11.05 -4.42
CA VAL F 104 -20.54 12.49 -4.74
C VAL F 104 -21.36 12.80 -6.00
N ARG F 105 -22.51 13.44 -5.80
CA ARG F 105 -23.41 13.92 -6.87
C ARG F 105 -23.22 15.43 -7.02
N ALA F 106 -22.70 15.88 -8.17
CA ALA F 106 -22.50 17.30 -8.52
C ALA F 106 -23.81 18.08 -8.33
N TYR F 107 -24.93 17.46 -8.71
CA TYR F 107 -26.31 17.98 -8.51
C TYR F 107 -26.87 17.36 -7.22
N TYR F 108 -26.94 18.14 -6.14
CA TYR F 108 -27.45 17.71 -4.81
C TYR F 108 -28.92 17.31 -4.94
N THR F 109 -29.61 17.89 -5.94
CA THR F 109 -31.04 17.68 -6.26
C THR F 109 -31.32 16.20 -6.59
N GLU F 110 -30.27 15.39 -6.80
CA GLU F 110 -30.38 13.95 -7.16
C GLU F 110 -30.11 13.06 -5.94
N TYR F 111 -29.82 13.64 -4.77
CA TYR F 111 -29.60 12.84 -3.54
C TYR F 111 -30.94 12.30 -3.04
N THR F 112 -30.98 11.01 -2.68
CA THR F 112 -32.08 10.34 -1.94
C THR F 112 -31.50 9.62 -0.73
N GLU F 113 -32.35 9.22 0.20
CA GLU F 113 -31.96 8.54 1.46
C GLU F 113 -31.16 7.28 1.14
N ALA F 114 -31.43 6.62 0.01
CA ALA F 114 -30.76 5.38 -0.46
C ALA F 114 -29.25 5.61 -0.63
N ASP F 115 -28.81 6.86 -0.86
CA ASP F 115 -27.39 7.21 -1.08
C ASP F 115 -26.63 7.26 0.26
N PHE F 116 -27.34 7.36 1.39
CA PHE F 116 -26.75 7.68 2.71
C PHE F 116 -26.74 6.44 3.61
N GLY F 117 -25.77 6.41 4.53
CA GLY F 117 -25.60 5.37 5.56
C GLY F 117 -25.12 5.97 6.87
N SER F 118 -24.72 5.13 7.82
CA SER F 118 -24.32 5.56 9.20
C SER F 118 -25.38 6.50 9.77
N TRP F 119 -26.65 6.12 9.64
CA TRP F 119 -27.81 6.93 10.12
C TRP F 119 -27.68 7.17 11.63
N GLY F 120 -27.78 8.44 12.04
CA GLY F 120 -27.98 8.81 13.45
C GLY F 120 -29.33 8.32 13.96
N GLN F 121 -29.48 8.16 15.27
CA GLN F 121 -30.78 7.88 15.93
C GLN F 121 -31.64 9.13 15.73
N GLY F 122 -32.90 8.96 15.33
CA GLY F 122 -33.81 10.09 15.04
C GLY F 122 -34.02 10.97 16.26
N THR F 123 -34.21 12.28 16.05
CA THR F 123 -34.60 13.26 17.09
C THR F 123 -35.93 13.92 16.66
N GLN F 124 -36.91 13.95 17.55
CA GLN F 124 -38.29 14.44 17.27
C GLN F 124 -38.28 15.98 17.27
N VAL F 125 -38.88 16.57 16.23
CA VAL F 125 -39.14 18.04 16.12
C VAL F 125 -40.66 18.21 15.96
N THR F 126 -41.28 18.99 16.85
CA THR F 126 -42.75 19.24 16.89
C THR F 126 -42.99 20.76 16.89
N VAL F 127 -43.81 21.23 15.93
CA VAL F 127 -44.20 22.66 15.76
C VAL F 127 -45.73 22.75 15.82
N SER F 128 -46.26 23.58 16.74
CA SER F 128 -47.71 23.66 17.11
C SER F 128 -48.20 25.11 17.07
N SER F 129 -49.49 25.31 17.35
CA SER F 129 -50.15 26.64 17.50
C SER F 129 -51.19 26.58 18.64
C1 NAG G . -1.47 6.11 11.13
C2 NAG G . -1.31 7.59 10.82
C3 NAG G . -1.72 8.41 12.05
C4 NAG G . -3.12 8.01 12.51
C5 NAG G . -3.15 6.51 12.77
C6 NAG G . -4.50 6.00 13.26
C7 NAG G . 0.44 8.59 9.41
C8 NAG G . 1.92 8.77 9.22
N2 NAG G . 0.07 7.84 10.45
O3 NAG G . -1.66 9.81 11.75
O4 NAG G . -3.49 8.72 13.69
O5 NAG G . -2.80 5.84 11.55
O6 NAG G . -5.50 6.23 12.26
O7 NAG G . -0.35 9.12 8.65
C1 NAG H . 3.06 -5.74 -11.51
C2 NAG H . 4.38 -5.59 -12.27
C3 NAG H . 4.51 -6.64 -13.35
C4 NAG H . 4.26 -8.04 -12.79
C5 NAG H . 2.96 -8.08 -12.00
C6 NAG H . 2.76 -9.46 -11.40
C7 NAG H . 5.62 -3.55 -12.82
C8 NAG H . 5.60 -2.24 -13.55
N2 NAG H . 4.49 -4.27 -12.86
O3 NAG H . 5.82 -6.60 -13.93
O4 NAG H . 4.20 -8.97 -13.88
O5 NAG H . 2.98 -7.07 -10.99
O6 NAG H . 1.78 -9.42 -10.36
O7 NAG H . 6.63 -3.93 -12.24
O1 MES I . 5.20 21.77 -18.29
C2 MES I . 4.11 22.66 -18.06
C3 MES I . 3.78 22.76 -16.60
N4 MES I . 3.44 21.42 -16.04
C5 MES I . 4.56 20.46 -16.34
C6 MES I . 4.86 20.47 -17.83
C7 MES I . 3.15 21.49 -14.57
C8 MES I . 2.75 20.16 -13.97
S MES I . 1.82 20.33 -12.46
O1S MES I . 2.71 20.89 -11.49
O2S MES I . 1.38 19.01 -12.11
O3S MES I . 0.72 21.21 -12.77
#